data_1VRP
#
_entry.id   1VRP
#
_cell.length_a   70.634
_cell.length_b   87.189
_cell.length_c   127.596
_cell.angle_alpha   90.00
_cell.angle_beta   90.00
_cell.angle_gamma   90.00
#
_symmetry.space_group_name_H-M   'P 21 21 21'
#
loop_
_entity.id
_entity.type
_entity.pdbx_description
1 polymer 'Creatine Kinase, M chain'
2 non-polymer 'MAGNESIUM ION'
3 non-polymer "ADENOSINE-5'-DIPHOSPHATE"
4 non-polymer 'NITRATE ION'
5 non-polymer '(DIAMINOMETHYL-METHYL-AMINO)-ACETIC ACID'
6 water water
#
_entity_poly.entity_id   1
_entity_poly.type   'polypeptide(L)'
_entity_poly.pdbx_seq_one_letter_code
;MPFGNTHNKWKLNYSAAEEFPDLSKHNNHMAKALTLDIYKKLRDKETPSGFTLDDIIQTGVDNPGHPFIMTVGCVAGDEE
CYEVFKDLFDPVIEDRHGGYKPTDKHKTDLNQENLKGGDDLDPNYVLSSRVRTGRSIKGIALPPHCSRGERRLVEKLCID
GLATLTGEFQGKYYPLSSMSDAEQQQLIDDHFLFDKPISPLLLASGMARDWPDGRGIWHNNDKTFLVWVNEEDHLRVISM
QKGGNMKEVFRRFCVGLKKIEDIFVKAGRGFMWNEHLGYVLTCPSNLGTGLRGGVHVKIPHLCKHEKFSEVLKRTRLQKR
GTGGVDTAAVGSIYDISNADRLGFSEVEQVQMVVDGVKLMVEMEKRLENGKSIDDLMPAQK
;
_entity_poly.pdbx_strand_id   A,B
#
# COMPACT_ATOMS: atom_id res chain seq x y z
N LEU A 12 10.54 -20.02 10.15
CA LEU A 12 9.74 -21.27 9.97
C LEU A 12 9.72 -22.13 11.24
N ASN A 13 9.93 -21.50 12.39
CA ASN A 13 9.92 -22.18 13.68
C ASN A 13 8.48 -22.21 14.14
N TYR A 14 7.59 -21.96 13.19
CA TYR A 14 6.16 -21.95 13.44
C TYR A 14 5.56 -22.96 12.49
N SER A 15 4.52 -23.65 12.96
CA SER A 15 3.85 -24.67 12.16
C SER A 15 2.97 -24.11 11.06
N ALA A 16 2.59 -24.98 10.12
CA ALA A 16 1.75 -24.58 9.03
C ALA A 16 0.47 -23.98 9.58
N ALA A 17 -0.12 -24.66 10.56
CA ALA A 17 -1.36 -24.22 11.19
C ALA A 17 -1.18 -22.89 11.91
N GLU A 18 -0.03 -22.70 12.56
CA GLU A 18 0.24 -21.47 13.28
C GLU A 18 0.38 -20.26 12.35
N GLU A 19 0.82 -20.53 11.11
CA GLU A 19 1.01 -19.49 10.09
C GLU A 19 -0.15 -19.37 9.11
N PHE A 20 -1.11 -20.30 9.15
CA PHE A 20 -2.25 -20.29 8.23
C PHE A 20 -3.12 -19.05 8.47
N PRO A 21 -3.43 -18.30 7.41
CA PRO A 21 -4.25 -17.09 7.52
C PRO A 21 -5.63 -17.32 7.99
N ASP A 22 -6.13 -16.29 8.65
CA ASP A 22 -7.48 -16.28 9.14
C ASP A 22 -8.33 -15.67 8.02
N LEU A 23 -9.00 -16.59 7.33
CA LEU A 23 -9.87 -16.33 6.17
C LEU A 23 -11.33 -16.65 6.46
N SER A 24 -11.66 -16.81 7.73
CA SER A 24 -13.02 -17.13 8.13
C SER A 24 -14.06 -16.15 7.58
N LYS A 25 -13.71 -14.87 7.51
CA LYS A 25 -14.64 -13.84 7.00
C LYS A 25 -14.31 -13.37 5.60
N HIS A 26 -13.63 -14.19 4.83
CA HIS A 26 -13.24 -13.80 3.49
C HIS A 26 -14.21 -14.28 2.41
N ASN A 27 -14.32 -13.49 1.34
CA ASN A 27 -15.19 -13.77 0.18
C ASN A 27 -14.23 -13.60 -0.99
N ASN A 28 -13.64 -14.70 -1.43
CA ASN A 28 -12.61 -14.59 -2.46
C ASN A 28 -12.11 -15.93 -2.83
N HIS A 29 -11.87 -16.02 -4.13
CA HIS A 29 -11.45 -17.23 -4.81
C HIS A 29 -10.29 -17.89 -4.10
N MET A 30 -9.24 -17.12 -3.82
CA MET A 30 -8.09 -17.65 -3.11
C MET A 30 -8.52 -18.29 -1.79
N ALA A 31 -9.41 -17.60 -1.08
CA ALA A 31 -9.91 -18.06 0.22
C ALA A 31 -10.78 -19.30 0.12
N LYS A 32 -11.46 -19.45 -1.00
CA LYS A 32 -12.31 -20.60 -1.21
C LYS A 32 -11.50 -21.82 -1.58
N ALA A 33 -10.32 -21.61 -2.15
CA ALA A 33 -9.49 -22.71 -2.60
C ALA A 33 -8.45 -23.21 -1.61
N LEU A 34 -7.76 -22.27 -0.97
CA LEU A 34 -6.68 -22.59 -0.04
C LEU A 34 -7.13 -23.43 1.14
N THR A 35 -6.36 -24.45 1.47
CA THR A 35 -6.65 -25.31 2.60
C THR A 35 -5.34 -25.52 3.35
N LEU A 36 -5.43 -26.03 4.57
CA LEU A 36 -4.25 -26.26 5.39
C LEU A 36 -3.29 -27.23 4.71
N ASP A 37 -3.83 -28.22 4.02
CA ASP A 37 -2.99 -29.20 3.34
C ASP A 37 -2.16 -28.55 2.25
N ILE A 38 -2.80 -27.75 1.42
CA ILE A 38 -2.12 -27.06 0.34
C ILE A 38 -1.09 -26.11 0.91
N TYR A 39 -1.44 -25.45 2.01
CA TYR A 39 -0.54 -24.51 2.64
C TYR A 39 0.65 -25.29 3.16
N LYS A 40 0.37 -26.40 3.83
CA LYS A 40 1.42 -27.25 4.36
C LYS A 40 2.41 -27.64 3.27
N LYS A 41 1.88 -28.20 2.18
CA LYS A 41 2.70 -28.62 1.07
C LYS A 41 3.44 -27.53 0.32
N LEU A 42 2.87 -26.32 0.25
CA LEU A 42 3.52 -25.26 -0.53
C LEU A 42 4.17 -24.06 0.16
N ARG A 43 3.94 -23.87 1.45
CA ARG A 43 4.53 -22.72 2.13
C ARG A 43 6.06 -22.64 2.16
N ASP A 44 6.74 -23.74 1.87
CA ASP A 44 8.20 -23.72 1.87
C ASP A 44 8.81 -23.56 0.47
N LYS A 45 7.98 -23.62 -0.57
CA LYS A 45 8.47 -23.47 -1.94
C LYS A 45 8.70 -22.03 -2.37
N GLU A 46 9.43 -21.88 -3.44
CA GLU A 46 9.73 -20.56 -4.00
C GLU A 46 10.03 -20.67 -5.49
N THR A 47 9.78 -19.61 -6.19
CA THR A 47 10.03 -19.60 -7.61
C THR A 47 11.47 -19.18 -7.82
N PRO A 48 11.95 -19.25 -9.06
CA PRO A 48 13.33 -18.84 -9.31
C PRO A 48 13.63 -17.45 -8.79
N SER A 49 12.65 -16.54 -8.86
CA SER A 49 12.85 -15.18 -8.39
C SER A 49 12.59 -15.01 -6.90
N GLY A 50 12.26 -16.11 -6.21
CA GLY A 50 12.01 -16.04 -4.78
C GLY A 50 10.60 -15.72 -4.32
N PHE A 51 9.63 -15.80 -5.21
CA PHE A 51 8.25 -15.50 -4.83
C PHE A 51 7.72 -16.74 -4.09
N THR A 52 6.87 -16.52 -3.08
CA THR A 52 6.33 -17.62 -2.29
C THR A 52 4.81 -17.58 -2.16
N LEU A 53 4.25 -18.64 -1.59
CA LEU A 53 2.81 -18.74 -1.40
C LEU A 53 2.30 -17.56 -0.59
N ASP A 54 3.03 -17.17 0.46
CA ASP A 54 2.59 -16.04 1.27
C ASP A 54 2.51 -14.80 0.42
N ASP A 55 3.48 -14.62 -0.47
CA ASP A 55 3.48 -13.47 -1.37
C ASP A 55 2.26 -13.55 -2.29
N ILE A 56 1.98 -14.74 -2.81
CA ILE A 56 0.86 -14.94 -3.73
C ILE A 56 -0.50 -14.61 -3.13
N ILE A 57 -0.73 -15.05 -1.90
CA ILE A 57 -2.02 -14.85 -1.24
C ILE A 57 -2.16 -13.58 -0.40
N GLN A 58 -1.07 -12.85 -0.18
CA GLN A 58 -1.14 -11.67 0.68
C GLN A 58 -2.27 -10.70 0.37
N THR A 59 -2.49 -10.40 -0.90
CA THR A 59 -3.57 -9.47 -1.22
C THR A 59 -4.92 -10.06 -0.82
N GLY A 60 -5.05 -11.38 -0.95
CA GLY A 60 -6.28 -12.05 -0.61
C GLY A 60 -6.53 -12.09 0.90
N VAL A 61 -5.46 -12.10 1.69
CA VAL A 61 -5.60 -12.12 3.13
C VAL A 61 -6.01 -10.73 3.62
N ASP A 62 -5.40 -9.70 3.03
CA ASP A 62 -5.67 -8.31 3.39
C ASP A 62 -7.04 -7.77 2.89
N ASN A 63 -7.49 -8.21 1.71
CA ASN A 63 -8.73 -7.75 1.10
C ASN A 63 -9.71 -8.91 1.15
N PRO A 64 -10.66 -8.83 2.05
CA PRO A 64 -11.64 -9.88 2.26
C PRO A 64 -12.69 -9.86 1.24
N GLY A 65 -12.72 -8.74 0.65
CA GLY A 65 -13.75 -8.63 -0.34
C GLY A 65 -15.13 -8.61 0.28
N HIS A 66 -16.11 -8.73 -0.59
CA HIS A 66 -17.51 -8.69 -0.15
C HIS A 66 -18.26 -9.88 -0.72
N PRO A 67 -19.24 -10.38 0.04
CA PRO A 67 -20.06 -11.53 -0.37
C PRO A 67 -20.60 -11.42 -1.79
N PHE A 68 -21.06 -10.23 -2.14
CA PHE A 68 -21.62 -9.97 -3.45
C PHE A 68 -20.65 -10.10 -4.59
N ILE A 69 -19.48 -9.47 -4.46
CA ILE A 69 -18.51 -9.64 -5.47
C ILE A 69 -17.49 -10.51 -4.98
N MET A 70 -17.04 -11.34 -5.91
CA MET A 70 -15.98 -12.26 -5.61
C MET A 70 -14.70 -11.77 -6.27
N THR A 71 -13.71 -11.46 -5.44
CA THR A 71 -12.39 -11.02 -5.92
C THR A 71 -11.49 -12.26 -6.05
N VAL A 72 -10.39 -12.13 -6.80
CA VAL A 72 -9.47 -13.26 -6.98
C VAL A 72 -8.67 -13.54 -5.72
N GLY A 73 -8.16 -12.51 -5.06
CA GLY A 73 -7.41 -12.71 -3.83
C GLY A 73 -6.00 -13.27 -3.91
N CYS A 74 -5.39 -13.27 -5.09
CA CYS A 74 -4.01 -13.74 -5.23
C CYS A 74 -3.43 -13.29 -6.57
N VAL A 75 -2.09 -13.20 -6.65
CA VAL A 75 -1.43 -12.79 -7.88
C VAL A 75 -0.22 -13.67 -8.14
N ALA A 76 0.34 -13.54 -9.34
CA ALA A 76 1.54 -14.27 -9.73
C ALA A 76 2.71 -13.28 -9.72
N GLY A 77 3.82 -13.65 -9.07
CA GLY A 77 4.97 -12.77 -9.00
C GLY A 77 5.93 -12.97 -10.16
N ASP A 78 5.74 -14.06 -10.89
CA ASP A 78 6.56 -14.39 -12.05
C ASP A 78 5.87 -15.51 -12.82
N GLU A 79 6.47 -15.92 -13.92
CA GLU A 79 5.88 -16.94 -14.76
C GLU A 79 5.79 -18.31 -14.08
N GLU A 80 6.84 -18.70 -13.36
CA GLU A 80 6.86 -19.99 -12.69
C GLU A 80 5.77 -20.17 -11.62
N CYS A 81 5.23 -19.07 -11.11
CA CYS A 81 4.21 -19.18 -10.08
C CYS A 81 3.04 -20.09 -10.44
N TYR A 82 2.58 -20.01 -11.68
CA TYR A 82 1.44 -20.81 -12.10
C TYR A 82 1.73 -22.30 -12.15
N GLU A 83 3.01 -22.69 -12.19
CA GLU A 83 3.34 -24.11 -12.19
C GLU A 83 3.71 -24.58 -10.79
N VAL A 84 4.60 -23.85 -10.14
CA VAL A 84 5.05 -24.17 -8.79
C VAL A 84 3.89 -24.19 -7.79
N PHE A 85 2.91 -23.30 -7.98
CA PHE A 85 1.78 -23.20 -7.05
C PHE A 85 0.45 -23.55 -7.67
N LYS A 86 0.54 -24.38 -8.69
CA LYS A 86 -0.63 -24.88 -9.39
C LYS A 86 -1.70 -25.45 -8.42
N ASP A 87 -1.29 -26.03 -7.29
CA ASP A 87 -2.27 -26.60 -6.36
C ASP A 87 -3.21 -25.50 -5.87
N LEU A 88 -2.78 -24.25 -5.92
CA LEU A 88 -3.64 -23.15 -5.50
C LEU A 88 -4.29 -22.48 -6.72
N PHE A 89 -3.49 -22.16 -7.72
CA PHE A 89 -4.00 -21.49 -8.92
C PHE A 89 -5.02 -22.31 -9.71
N ASP A 90 -4.81 -23.62 -9.82
CA ASP A 90 -5.74 -24.43 -10.60
C ASP A 90 -7.18 -24.35 -10.17
N PRO A 91 -7.47 -24.57 -8.87
CA PRO A 91 -8.87 -24.49 -8.43
C PRO A 91 -9.38 -23.04 -8.43
N VAL A 92 -8.47 -22.10 -8.25
CA VAL A 92 -8.84 -20.68 -8.28
C VAL A 92 -9.24 -20.32 -9.70
N ILE A 93 -8.44 -20.75 -10.66
CA ILE A 93 -8.71 -20.46 -12.07
C ILE A 93 -9.98 -21.18 -12.51
N GLU A 94 -10.15 -22.42 -12.09
CA GLU A 94 -11.35 -23.16 -12.48
C GLU A 94 -12.59 -22.41 -12.00
N ASP A 95 -12.59 -22.04 -10.73
CA ASP A 95 -13.71 -21.33 -10.11
C ASP A 95 -13.98 -19.96 -10.73
N ARG A 96 -12.92 -19.20 -10.95
CA ARG A 96 -13.03 -17.86 -11.50
C ARG A 96 -13.34 -17.86 -12.98
N HIS A 97 -12.85 -18.87 -13.67
CA HIS A 97 -13.05 -18.90 -15.09
C HIS A 97 -14.20 -19.78 -15.59
N GLY A 98 -15.03 -20.21 -14.64
CA GLY A 98 -16.24 -20.94 -14.95
C GLY A 98 -16.19 -22.42 -15.18
N GLY A 99 -15.13 -23.01 -14.66
CA GLY A 99 -14.94 -24.44 -14.79
C GLY A 99 -13.70 -24.79 -15.59
N TYR A 100 -12.95 -23.77 -16.01
CA TYR A 100 -11.74 -24.00 -16.77
C TYR A 100 -10.86 -24.97 -16.00
N LYS A 101 -10.53 -26.09 -16.64
CA LYS A 101 -9.74 -27.16 -16.03
C LYS A 101 -8.26 -27.11 -16.38
N PRO A 102 -7.39 -27.65 -15.50
CA PRO A 102 -5.95 -27.66 -15.74
C PRO A 102 -5.58 -28.27 -17.08
N THR A 103 -6.42 -29.18 -17.56
CA THR A 103 -6.18 -29.83 -18.84
C THR A 103 -6.75 -29.05 -20.02
N ASP A 104 -7.58 -28.04 -19.77
CA ASP A 104 -8.14 -27.30 -20.90
C ASP A 104 -7.08 -26.50 -21.65
N LYS A 105 -7.34 -26.22 -22.92
CA LYS A 105 -6.41 -25.44 -23.72
C LYS A 105 -7.09 -24.15 -24.14
N HIS A 106 -6.29 -23.10 -24.28
CA HIS A 106 -6.81 -21.79 -24.66
C HIS A 106 -6.41 -21.44 -26.08
N LYS A 107 -7.40 -21.04 -26.87
CA LYS A 107 -7.14 -20.68 -28.25
C LYS A 107 -6.94 -19.18 -28.45
N THR A 108 -5.77 -18.82 -28.99
CA THR A 108 -5.41 -17.45 -29.31
C THR A 108 -5.69 -17.22 -30.78
N ASP A 109 -6.45 -16.17 -31.06
CA ASP A 109 -6.76 -15.79 -32.44
C ASP A 109 -6.62 -14.25 -32.41
N LEU A 110 -5.65 -13.76 -33.16
CA LEU A 110 -5.37 -12.33 -33.27
C LEU A 110 -5.54 -11.87 -34.72
N ASN A 111 -6.06 -12.78 -35.54
CA ASN A 111 -6.34 -12.51 -36.95
C ASN A 111 -7.61 -11.66 -36.95
N GLN A 112 -7.43 -10.36 -37.23
CA GLN A 112 -8.54 -9.42 -37.22
C GLN A 112 -9.54 -9.65 -38.33
N GLU A 113 -9.16 -10.44 -39.32
CA GLU A 113 -10.05 -10.69 -40.44
C GLU A 113 -11.13 -11.70 -40.10
N ASN A 114 -11.00 -12.33 -38.94
CA ASN A 114 -11.97 -13.33 -38.51
C ASN A 114 -13.19 -12.68 -37.85
N LEU A 115 -13.09 -11.37 -37.60
CA LEU A 115 -14.19 -10.63 -36.99
C LEU A 115 -15.18 -10.28 -38.10
N LYS A 116 -16.47 -10.42 -37.84
CA LYS A 116 -17.49 -10.12 -38.85
C LYS A 116 -18.25 -8.84 -38.51
N GLY A 117 -18.14 -7.84 -39.39
CA GLY A 117 -18.82 -6.59 -39.16
C GLY A 117 -18.18 -5.78 -38.05
N GLY A 118 -18.98 -5.03 -37.31
CA GLY A 118 -18.47 -4.22 -36.22
C GLY A 118 -17.92 -2.85 -36.60
N ASP A 119 -18.21 -2.38 -37.80
CA ASP A 119 -17.70 -1.06 -38.20
C ASP A 119 -18.84 -0.07 -38.29
N ASP A 120 -20.03 -0.53 -37.96
CA ASP A 120 -21.22 0.31 -38.06
C ASP A 120 -21.97 0.52 -36.75
N LEU A 121 -21.30 0.38 -35.62
CA LEU A 121 -21.98 0.64 -34.35
C LEU A 121 -22.45 2.09 -34.36
N ASP A 122 -23.71 2.27 -33.90
CA ASP A 122 -24.41 3.57 -33.86
C ASP A 122 -23.58 4.59 -33.15
N PRO A 123 -23.13 5.64 -33.88
CA PRO A 123 -22.31 6.71 -33.29
C PRO A 123 -23.19 7.64 -32.45
N ASN A 124 -24.50 7.43 -32.49
CA ASN A 124 -25.43 8.26 -31.73
C ASN A 124 -25.62 7.71 -30.33
N TYR A 125 -25.14 6.49 -30.13
CA TYR A 125 -25.22 5.81 -28.85
C TYR A 125 -23.84 5.35 -28.38
N VAL A 126 -22.94 5.13 -29.33
CA VAL A 126 -21.59 4.62 -29.05
C VAL A 126 -20.63 5.74 -29.27
N LEU A 127 -20.17 6.29 -28.16
CA LEU A 127 -19.26 7.44 -28.18
C LEU A 127 -17.82 7.07 -28.41
N SER A 128 -17.43 5.89 -27.93
CA SER A 128 -16.08 5.44 -28.18
C SER A 128 -16.07 3.89 -28.23
N SER A 129 -14.99 3.35 -28.81
CA SER A 129 -14.75 1.90 -28.89
C SER A 129 -13.28 1.69 -28.45
N ARG A 130 -13.02 0.63 -27.70
CA ARG A 130 -11.68 0.37 -27.19
C ARG A 130 -11.40 -1.11 -26.98
N VAL A 131 -10.18 -1.52 -27.31
CA VAL A 131 -9.74 -2.90 -27.14
C VAL A 131 -8.36 -2.84 -26.45
N ARG A 132 -8.29 -3.46 -25.28
CA ARG A 132 -7.09 -3.48 -24.47
C ARG A 132 -6.72 -4.89 -24.04
N THR A 133 -5.42 -5.10 -23.84
CA THR A 133 -4.86 -6.36 -23.39
C THR A 133 -3.54 -6.10 -22.65
N GLY A 134 -3.06 -7.12 -21.98
CA GLY A 134 -1.80 -7.01 -21.25
C GLY A 134 -0.84 -8.08 -21.69
N ARG A 135 0.45 -7.80 -21.53
CA ARG A 135 1.52 -8.72 -21.89
C ARG A 135 2.61 -8.66 -20.86
N SER A 136 3.31 -9.79 -20.72
CA SER A 136 4.42 -9.93 -19.79
C SER A 136 5.64 -10.35 -20.63
N ILE A 137 6.82 -9.91 -20.23
CA ILE A 137 8.04 -10.24 -20.92
C ILE A 137 8.73 -11.44 -20.26
N LYS A 138 8.98 -12.46 -21.07
CA LYS A 138 9.66 -13.67 -20.62
C LYS A 138 10.98 -13.32 -19.91
N GLY A 139 11.26 -14.00 -18.80
CA GLY A 139 12.49 -13.78 -18.07
C GLY A 139 12.51 -12.64 -17.08
N ILE A 140 11.38 -11.95 -16.94
CA ILE A 140 11.31 -10.85 -16.01
C ILE A 140 10.14 -11.06 -15.04
N ALA A 141 10.38 -10.84 -13.75
CA ALA A 141 9.36 -11.00 -12.72
C ALA A 141 8.21 -10.03 -12.99
N LEU A 142 7.00 -10.43 -12.61
CA LEU A 142 5.82 -9.61 -12.82
C LEU A 142 5.75 -8.44 -11.84
N PRO A 143 4.92 -7.43 -12.14
CA PRO A 143 4.80 -6.25 -11.27
C PRO A 143 4.72 -6.44 -9.75
N PRO A 144 3.97 -7.43 -9.26
CA PRO A 144 3.97 -7.54 -7.80
C PRO A 144 5.37 -7.85 -7.21
N HIS A 145 6.31 -8.33 -8.03
CA HIS A 145 7.62 -8.74 -7.53
C HIS A 145 8.84 -8.18 -8.26
N CYS A 146 8.62 -7.58 -9.43
CA CYS A 146 9.72 -7.05 -10.22
C CYS A 146 10.56 -6.01 -9.49
N SER A 147 11.87 -6.11 -9.64
CA SER A 147 12.82 -5.20 -9.03
C SER A 147 12.88 -3.91 -9.86
N ARG A 148 13.48 -2.87 -9.29
CA ARG A 148 13.62 -1.61 -9.99
C ARG A 148 14.40 -1.82 -11.29
N GLY A 149 15.40 -2.69 -11.21
CA GLY A 149 16.23 -3.01 -12.36
C GLY A 149 15.43 -3.70 -13.45
N GLU A 150 14.62 -4.68 -13.05
CA GLU A 150 13.77 -5.42 -13.97
C GLU A 150 12.77 -4.48 -14.65
N ARG A 151 12.09 -3.68 -13.83
CA ARG A 151 11.09 -2.72 -14.31
C ARG A 151 11.73 -1.78 -15.32
N ARG A 152 12.96 -1.38 -15.03
CA ARG A 152 13.70 -0.47 -15.90
C ARG A 152 14.07 -1.17 -17.20
N LEU A 153 14.33 -2.46 -17.09
CA LEU A 153 14.67 -3.26 -18.26
C LEU A 153 13.45 -3.27 -19.21
N VAL A 154 12.29 -3.55 -18.66
CA VAL A 154 11.05 -3.57 -19.44
C VAL A 154 10.83 -2.20 -20.08
N GLU A 155 11.01 -1.14 -19.30
CA GLU A 155 10.83 0.21 -19.81
C GLU A 155 11.73 0.50 -21.01
N LYS A 156 13.00 0.12 -20.87
CA LYS A 156 13.96 0.34 -21.95
C LYS A 156 13.57 -0.44 -23.20
N LEU A 157 13.21 -1.70 -23.00
CA LEU A 157 12.82 -2.56 -24.09
C LEU A 157 11.70 -1.91 -24.92
N CYS A 158 10.75 -1.30 -24.24
CA CYS A 158 9.64 -0.62 -24.91
C CYS A 158 10.14 0.62 -25.62
N ILE A 159 10.97 1.40 -24.93
CA ILE A 159 11.50 2.62 -25.49
C ILE A 159 12.25 2.36 -26.80
N ASP A 160 13.16 1.40 -26.77
CA ASP A 160 13.94 1.08 -27.95
C ASP A 160 13.12 0.32 -28.99
N GLY A 161 12.29 -0.61 -28.51
CA GLY A 161 11.45 -1.40 -29.39
C GLY A 161 10.38 -0.61 -30.12
N LEU A 162 9.61 0.15 -29.36
CA LEU A 162 8.52 0.95 -29.94
C LEU A 162 9.01 2.10 -30.81
N ALA A 163 10.26 2.52 -30.61
CA ALA A 163 10.84 3.61 -31.38
C ALA A 163 11.15 3.23 -32.81
N THR A 164 10.86 1.98 -33.16
CA THR A 164 11.12 1.50 -34.52
C THR A 164 9.80 1.36 -35.27
N LEU A 165 8.69 1.55 -34.56
CA LEU A 165 7.38 1.50 -35.17
C LEU A 165 7.27 2.71 -36.10
N THR A 166 6.67 2.51 -37.26
CA THR A 166 6.54 3.59 -38.23
C THR A 166 5.12 3.70 -38.77
N GLY A 167 4.91 4.67 -39.64
CA GLY A 167 3.60 4.89 -40.22
C GLY A 167 2.60 5.33 -39.16
N GLU A 168 1.40 4.78 -39.23
CA GLU A 168 0.35 5.12 -38.28
C GLU A 168 0.74 4.73 -36.84
N PHE A 169 1.77 3.90 -36.73
CA PHE A 169 2.26 3.45 -35.42
C PHE A 169 3.45 4.28 -34.95
N GLN A 170 3.79 5.30 -35.72
CA GLN A 170 4.88 6.20 -35.35
C GLN A 170 4.47 6.91 -34.04
N GLY A 171 5.33 6.85 -33.02
CA GLY A 171 4.99 7.47 -31.75
C GLY A 171 6.16 7.91 -30.90
N LYS A 172 5.86 8.16 -29.62
CA LYS A 172 6.82 8.62 -28.62
C LYS A 172 6.45 8.09 -27.23
N TYR A 173 7.47 7.95 -26.38
CA TYR A 173 7.31 7.48 -25.02
C TYR A 173 7.45 8.65 -24.06
N TYR A 174 6.57 8.69 -23.07
CA TYR A 174 6.60 9.74 -22.06
C TYR A 174 6.68 9.12 -20.68
N PRO A 175 7.86 9.13 -20.05
CA PRO A 175 7.92 8.54 -18.71
C PRO A 175 7.10 9.46 -17.84
N LEU A 176 6.36 8.89 -16.90
CA LEU A 176 5.54 9.71 -15.99
C LEU A 176 6.36 10.86 -15.42
N SER A 177 7.63 10.59 -15.15
CA SER A 177 8.51 11.60 -14.56
C SER A 177 8.70 12.83 -15.45
N SER A 178 8.32 12.71 -16.71
CA SER A 178 8.47 13.81 -17.67
C SER A 178 7.21 14.66 -17.79
N MET A 179 6.14 14.25 -17.11
CA MET A 179 4.89 14.97 -17.19
C MET A 179 4.47 15.65 -15.91
N SER A 180 4.07 16.90 -16.04
CA SER A 180 3.58 17.70 -14.92
C SER A 180 2.34 16.99 -14.40
N ASP A 181 2.03 17.19 -13.12
CA ASP A 181 0.86 16.56 -12.53
C ASP A 181 -0.39 17.00 -13.28
N ALA A 182 -0.29 18.16 -13.91
CA ALA A 182 -1.39 18.75 -14.68
C ALA A 182 -1.57 18.03 -16.01
N GLU A 183 -0.46 17.79 -16.70
CA GLU A 183 -0.51 17.10 -17.99
C GLU A 183 -1.01 15.69 -17.78
N GLN A 184 -0.63 15.10 -16.65
CA GLN A 184 -1.04 13.75 -16.32
C GLN A 184 -2.55 13.64 -16.16
N GLN A 185 -3.13 14.54 -15.37
CA GLN A 185 -4.57 14.56 -15.13
C GLN A 185 -5.35 14.72 -16.43
N GLN A 186 -4.82 15.52 -17.34
CA GLN A 186 -5.47 15.77 -18.63
C GLN A 186 -5.49 14.50 -19.46
N LEU A 187 -4.39 13.76 -19.42
CA LEU A 187 -4.26 12.52 -20.14
C LEU A 187 -5.19 11.49 -19.51
N ILE A 188 -5.37 11.61 -18.20
CA ILE A 188 -6.22 10.71 -17.46
C ILE A 188 -7.69 11.04 -17.73
N ASP A 189 -8.01 12.33 -17.74
CA ASP A 189 -9.37 12.78 -17.99
C ASP A 189 -9.84 12.42 -19.39
N ASP A 190 -8.91 12.42 -20.34
CA ASP A 190 -9.23 12.12 -21.73
C ASP A 190 -9.26 10.60 -22.02
N HIS A 191 -9.01 9.81 -20.97
CA HIS A 191 -9.04 8.33 -21.00
C HIS A 191 -7.89 7.69 -21.72
N PHE A 192 -6.76 8.35 -21.65
CA PHE A 192 -5.59 7.85 -22.32
C PHE A 192 -4.57 7.25 -21.37
N LEU A 193 -4.50 7.84 -20.19
CA LEU A 193 -3.51 7.44 -19.21
C LEU A 193 -4.10 6.82 -17.94
N PHE A 194 -3.29 5.96 -17.32
CA PHE A 194 -3.64 5.30 -16.06
C PHE A 194 -3.19 6.22 -14.94
N ASP A 195 -3.90 6.18 -13.83
CA ASP A 195 -3.55 6.98 -12.67
C ASP A 195 -2.72 6.10 -11.72
N LYS A 196 -2.30 6.68 -10.60
CA LYS A 196 -1.54 5.94 -9.61
C LYS A 196 -2.51 4.98 -8.94
N PRO A 197 -2.12 3.72 -8.80
CA PRO A 197 -2.98 2.74 -8.15
C PRO A 197 -3.36 3.20 -6.77
N ILE A 198 -4.61 2.90 -6.44
CA ILE A 198 -5.23 3.23 -5.18
C ILE A 198 -5.94 2.00 -4.61
N SER A 199 -6.40 1.15 -5.52
CA SER A 199 -7.12 -0.07 -5.17
C SER A 199 -6.35 -0.88 -4.14
N PRO A 200 -6.94 -1.07 -2.95
CA PRO A 200 -6.25 -1.85 -1.91
C PRO A 200 -5.89 -3.27 -2.38
N LEU A 201 -6.58 -3.77 -3.41
CA LEU A 201 -6.26 -5.10 -3.96
C LEU A 201 -4.89 -5.04 -4.60
N LEU A 202 -4.67 -3.97 -5.36
CA LEU A 202 -3.42 -3.72 -6.08
C LEU A 202 -2.27 -3.41 -5.12
N LEU A 203 -2.49 -2.42 -4.26
CA LEU A 203 -1.48 -1.99 -3.30
C LEU A 203 -0.94 -3.12 -2.41
N ALA A 204 -1.82 -4.02 -1.99
CA ALA A 204 -1.40 -5.13 -1.12
C ALA A 204 -0.55 -6.19 -1.82
N SER A 205 -0.52 -6.14 -3.15
CA SER A 205 0.24 -7.13 -3.93
C SER A 205 1.70 -6.68 -4.11
N GLY A 206 1.93 -5.39 -3.90
CA GLY A 206 3.26 -4.80 -4.01
C GLY A 206 3.58 -4.27 -5.40
N MET A 207 2.55 -4.13 -6.22
CA MET A 207 2.76 -3.66 -7.58
C MET A 207 2.98 -2.14 -7.66
N ALA A 208 2.65 -1.43 -6.59
CA ALA A 208 2.81 0.03 -6.55
C ALA A 208 4.20 0.47 -6.11
N ARG A 209 5.08 -0.49 -5.84
CA ARG A 209 6.44 -0.19 -5.40
C ARG A 209 7.21 0.75 -6.32
N ASP A 210 8.16 1.49 -5.75
CA ASP A 210 9.02 2.43 -6.50
C ASP A 210 8.23 3.31 -7.47
N TRP A 211 6.93 3.46 -7.23
CA TRP A 211 6.03 4.27 -8.10
C TRP A 211 6.35 5.75 -7.90
N PRO A 212 6.51 6.63 -8.95
CA PRO A 212 6.56 6.59 -10.43
C PRO A 212 7.60 5.87 -11.22
N ASP A 213 8.74 5.62 -10.62
CA ASP A 213 9.82 5.04 -11.40
C ASP A 213 9.54 3.88 -12.37
N GLY A 214 10.01 4.00 -13.62
CA GLY A 214 9.83 2.95 -14.62
C GLY A 214 8.48 2.90 -15.30
N ARG A 215 7.58 3.79 -14.91
CA ARG A 215 6.25 3.85 -15.50
C ARG A 215 6.14 5.00 -16.49
N GLY A 216 5.30 4.79 -17.50
CA GLY A 216 5.09 5.80 -18.51
C GLY A 216 4.15 5.30 -19.57
N ILE A 217 3.96 6.11 -20.59
CA ILE A 217 3.08 5.78 -21.68
C ILE A 217 3.67 6.16 -23.01
N TRP A 218 3.53 5.22 -23.95
CA TRP A 218 3.97 5.41 -25.32
C TRP A 218 2.68 5.43 -26.14
N HIS A 219 2.59 6.32 -27.11
CA HIS A 219 1.42 6.38 -27.96
C HIS A 219 1.79 6.97 -29.32
N ASN A 220 1.05 6.57 -30.35
CA ASN A 220 1.31 7.12 -31.67
C ASN A 220 0.81 8.56 -31.65
N ASN A 221 1.14 9.33 -32.69
CA ASN A 221 0.74 10.73 -32.73
C ASN A 221 -0.76 10.96 -32.58
N ASP A 222 -1.56 10.14 -33.26
CA ASP A 222 -3.02 10.28 -33.20
C ASP A 222 -3.63 9.74 -31.90
N LYS A 223 -2.78 9.15 -31.07
CA LYS A 223 -3.22 8.58 -29.80
C LYS A 223 -4.35 7.56 -29.97
N THR A 224 -4.25 6.77 -31.02
CA THR A 224 -5.23 5.74 -31.34
C THR A 224 -4.67 4.36 -30.99
N PHE A 225 -3.36 4.32 -30.75
CA PHE A 225 -2.65 3.09 -30.37
C PHE A 225 -1.70 3.47 -29.24
N LEU A 226 -1.89 2.85 -28.07
CA LEU A 226 -1.09 3.16 -26.90
C LEU A 226 -0.56 1.96 -26.15
N VAL A 227 0.56 2.19 -25.46
CA VAL A 227 1.20 1.16 -24.65
C VAL A 227 1.49 1.70 -23.25
N TRP A 228 0.77 1.19 -22.26
CA TRP A 228 0.99 1.57 -20.88
C TRP A 228 2.18 0.71 -20.41
N VAL A 229 3.19 1.36 -19.86
CA VAL A 229 4.38 0.65 -19.45
C VAL A 229 4.54 0.53 -17.94
N ASN A 230 4.63 -0.72 -17.49
CA ASN A 230 4.86 -1.10 -16.10
C ASN A 230 3.81 -0.67 -15.09
N GLU A 231 2.54 -0.79 -15.47
CA GLU A 231 1.47 -0.43 -14.56
C GLU A 231 0.88 -1.71 -13.88
N GLU A 232 -0.14 -2.37 -14.43
CA GLU A 232 -0.65 -3.59 -13.78
C GLU A 232 0.11 -4.82 -14.27
N ASP A 233 0.65 -4.66 -15.48
CA ASP A 233 1.43 -5.69 -16.13
C ASP A 233 2.58 -5.02 -16.88
N HIS A 234 3.52 -5.82 -17.38
CA HIS A 234 4.64 -5.28 -18.12
C HIS A 234 4.17 -4.31 -19.20
N LEU A 235 3.26 -4.80 -20.05
CA LEU A 235 2.69 -4.00 -21.12
C LEU A 235 1.19 -4.09 -21.13
N ARG A 236 0.56 -2.93 -21.38
CA ARG A 236 -0.88 -2.80 -21.50
C ARG A 236 -1.07 -2.11 -22.85
N VAL A 237 -1.37 -2.90 -23.87
CA VAL A 237 -1.55 -2.41 -25.23
C VAL A 237 -3.00 -1.99 -25.46
N ILE A 238 -3.18 -0.76 -25.95
CA ILE A 238 -4.50 -0.21 -26.17
C ILE A 238 -4.70 0.40 -27.55
N SER A 239 -5.90 0.17 -28.09
CA SER A 239 -6.33 0.71 -29.36
C SER A 239 -7.70 1.34 -29.10
N MET A 240 -7.85 2.62 -29.46
CA MET A 240 -9.13 3.24 -29.22
C MET A 240 -9.42 4.47 -30.06
N GLN A 241 -10.72 4.67 -30.27
CA GLN A 241 -11.28 5.85 -30.93
C GLN A 241 -12.67 6.15 -30.54
N LYS A 242 -12.99 7.41 -30.82
CA LYS A 242 -14.32 7.96 -30.65
C LYS A 242 -15.10 7.30 -31.79
N GLY A 243 -16.36 7.03 -31.55
CA GLY A 243 -17.16 6.45 -32.59
C GLY A 243 -17.48 5.01 -32.34
N GLY A 244 -17.94 4.39 -33.42
CA GLY A 244 -18.36 3.01 -33.38
C GLY A 244 -17.64 2.06 -34.31
N ASN A 245 -16.65 2.51 -35.08
CA ASN A 245 -15.97 1.54 -35.93
C ASN A 245 -15.06 0.77 -34.97
N MET A 246 -15.48 -0.44 -34.59
CA MET A 246 -14.77 -1.27 -33.61
C MET A 246 -13.90 -2.09 -34.46
N LYS A 247 -14.41 -2.35 -35.65
CA LYS A 247 -13.70 -3.14 -36.63
C LYS A 247 -12.32 -2.52 -36.86
N GLU A 248 -12.30 -1.22 -37.13
CA GLU A 248 -11.05 -0.51 -37.35
C GLU A 248 -10.18 -0.61 -36.09
N VAL A 249 -10.80 -0.39 -34.94
CA VAL A 249 -10.12 -0.43 -33.65
C VAL A 249 -9.35 -1.75 -33.48
N PHE A 250 -10.08 -2.86 -33.61
CA PHE A 250 -9.53 -4.20 -33.48
C PHE A 250 -8.43 -4.44 -34.51
N ARG A 251 -8.68 -3.95 -35.71
CA ARG A 251 -7.74 -4.08 -36.82
C ARG A 251 -6.37 -3.49 -36.43
N ARG A 252 -6.40 -2.26 -35.95
CA ARG A 252 -5.18 -1.56 -35.53
C ARG A 252 -4.56 -2.29 -34.35
N PHE A 253 -5.43 -2.82 -33.50
CA PHE A 253 -5.06 -3.56 -32.29
C PHE A 253 -4.18 -4.75 -32.69
N CYS A 254 -4.73 -5.60 -33.54
CA CYS A 254 -4.06 -6.80 -34.03
C CYS A 254 -2.78 -6.51 -34.78
N VAL A 255 -2.84 -5.55 -35.69
CA VAL A 255 -1.68 -5.18 -36.49
C VAL A 255 -0.55 -4.64 -35.60
N GLY A 256 -0.93 -3.77 -34.66
CA GLY A 256 0.03 -3.19 -33.74
C GLY A 256 0.63 -4.23 -32.81
N LEU A 257 -0.24 -5.08 -32.28
CA LEU A 257 0.17 -6.13 -31.38
C LEU A 257 1.25 -7.00 -32.03
N LYS A 258 1.00 -7.41 -33.27
CA LYS A 258 1.93 -8.26 -34.01
C LYS A 258 3.26 -7.56 -34.29
N LYS A 259 3.20 -6.26 -34.53
CA LYS A 259 4.40 -5.47 -34.77
C LYS A 259 5.25 -5.44 -33.51
N ILE A 260 4.59 -5.30 -32.37
CA ILE A 260 5.26 -5.23 -31.10
C ILE A 260 5.87 -6.58 -30.73
N GLU A 261 5.13 -7.66 -30.99
CA GLU A 261 5.62 -8.99 -30.67
C GLU A 261 6.85 -9.33 -31.51
N ASP A 262 6.77 -9.01 -32.80
CA ASP A 262 7.85 -9.27 -33.72
C ASP A 262 9.15 -8.60 -33.27
N ILE A 263 9.03 -7.36 -32.80
CA ILE A 263 10.18 -6.57 -32.36
C ILE A 263 10.77 -7.19 -31.09
N PHE A 264 9.92 -7.50 -30.13
CA PHE A 264 10.36 -8.09 -28.87
C PHE A 264 11.01 -9.45 -29.09
N VAL A 265 10.33 -10.30 -29.83
CA VAL A 265 10.83 -11.63 -30.14
C VAL A 265 12.22 -11.49 -30.76
N LYS A 266 12.34 -10.53 -31.69
CA LYS A 266 13.59 -10.24 -32.37
C LYS A 266 14.70 -9.81 -31.39
N ALA A 267 14.30 -9.22 -30.27
CA ALA A 267 15.22 -8.72 -29.23
C ALA A 267 15.48 -9.75 -28.15
N GLY A 268 15.07 -10.97 -28.47
CA GLY A 268 15.23 -12.10 -27.57
C GLY A 268 14.27 -12.09 -26.38
N ARG A 269 13.34 -11.15 -26.36
CA ARG A 269 12.38 -11.04 -25.25
C ARG A 269 10.96 -11.18 -25.77
N GLY A 270 10.39 -12.36 -25.58
CA GLY A 270 9.05 -12.59 -26.06
C GLY A 270 8.06 -12.45 -24.94
N PHE A 271 6.79 -12.63 -25.30
CA PHE A 271 5.69 -12.57 -24.36
C PHE A 271 5.47 -13.95 -23.73
N MET A 272 5.15 -13.97 -22.45
CA MET A 272 4.86 -15.20 -21.73
C MET A 272 3.52 -15.75 -22.25
N TRP A 273 3.49 -17.02 -22.60
CA TRP A 273 2.29 -17.66 -23.12
C TRP A 273 2.49 -19.19 -22.98
N ASN A 274 1.41 -19.96 -22.90
CA ASN A 274 1.51 -21.40 -22.85
C ASN A 274 0.14 -21.81 -23.36
N GLU A 275 0.01 -23.04 -23.83
CA GLU A 275 -1.24 -23.50 -24.41
C GLU A 275 -2.38 -23.68 -23.41
N HIS A 276 -2.06 -23.61 -22.12
CA HIS A 276 -3.08 -23.80 -21.09
C HIS A 276 -3.69 -22.53 -20.55
N LEU A 277 -2.86 -21.53 -20.32
CA LEU A 277 -3.32 -20.26 -19.74
C LEU A 277 -3.28 -19.14 -20.77
N GLY A 278 -2.83 -19.45 -21.97
CA GLY A 278 -2.71 -18.41 -22.97
C GLY A 278 -1.66 -17.43 -22.45
N TYR A 279 -1.92 -16.14 -22.59
CA TYR A 279 -1.01 -15.09 -22.13
C TYR A 279 -1.00 -15.01 -20.62
N VAL A 280 0.19 -15.17 -20.04
CA VAL A 280 0.40 -15.14 -18.61
C VAL A 280 0.54 -13.69 -18.13
N LEU A 281 -0.32 -13.33 -17.18
CA LEU A 281 -0.35 -11.99 -16.59
C LEU A 281 -0.42 -12.08 -15.07
N THR A 282 -0.25 -10.93 -14.42
CA THR A 282 -0.24 -10.82 -12.95
C THR A 282 -1.46 -11.42 -12.24
N CYS A 283 -2.66 -11.01 -12.65
CA CYS A 283 -3.89 -11.49 -12.02
C CYS A 283 -4.53 -12.66 -12.75
N PRO A 284 -4.81 -13.75 -12.03
CA PRO A 284 -5.42 -14.91 -12.68
C PRO A 284 -6.73 -14.60 -13.44
N SER A 285 -7.45 -13.56 -13.04
CA SER A 285 -8.70 -13.19 -13.71
C SER A 285 -8.52 -12.73 -15.17
N ASN A 286 -7.30 -12.30 -15.52
CA ASN A 286 -7.00 -11.77 -16.86
C ASN A 286 -6.19 -12.71 -17.75
N LEU A 287 -6.20 -14.00 -17.46
CA LEU A 287 -5.45 -14.99 -18.24
C LEU A 287 -6.19 -15.37 -19.53
N GLY A 288 -5.44 -15.98 -20.46
CA GLY A 288 -5.95 -16.39 -21.77
C GLY A 288 -5.61 -15.22 -22.70
N THR A 289 -6.62 -14.40 -22.94
CA THR A 289 -6.45 -13.19 -23.72
C THR A 289 -6.30 -12.16 -22.59
N GLY A 290 -5.64 -11.04 -22.81
CA GLY A 290 -5.58 -10.10 -21.69
C GLY A 290 -6.54 -9.00 -22.06
N LEU A 291 -7.50 -9.42 -22.88
CA LEU A 291 -8.47 -8.57 -23.51
C LEU A 291 -9.77 -8.16 -22.88
N ARG A 292 -10.02 -6.86 -23.00
CA ARG A 292 -11.25 -6.22 -22.55
C ARG A 292 -11.61 -5.24 -23.66
N GLY A 293 -12.53 -5.67 -24.53
CA GLY A 293 -12.99 -4.85 -25.63
C GLY A 293 -14.31 -4.23 -25.20
N GLY A 294 -14.44 -2.92 -25.39
CA GLY A 294 -15.67 -2.27 -24.99
C GLY A 294 -15.91 -0.93 -25.66
N VAL A 295 -17.04 -0.37 -25.30
CA VAL A 295 -17.50 0.91 -25.81
C VAL A 295 -18.11 1.73 -24.67
N HIS A 296 -18.08 3.04 -24.84
CA HIS A 296 -18.73 3.95 -23.90
C HIS A 296 -20.06 4.18 -24.65
N VAL A 297 -21.15 3.69 -24.09
CA VAL A 297 -22.47 3.79 -24.73
C VAL A 297 -23.56 4.38 -23.80
N LYS A 298 -24.48 5.16 -24.37
CA LYS A 298 -25.56 5.84 -23.64
C LYS A 298 -26.86 5.05 -23.58
N ILE A 299 -27.15 4.42 -22.43
CA ILE A 299 -28.34 3.61 -22.32
C ILE A 299 -29.16 3.95 -21.10
N PRO A 300 -29.71 5.18 -21.12
CA PRO A 300 -30.55 5.72 -20.05
C PRO A 300 -31.73 4.77 -19.76
N HIS A 301 -32.47 4.36 -20.80
CA HIS A 301 -33.64 3.48 -20.61
C HIS A 301 -33.27 2.06 -20.19
N LEU A 302 -32.37 1.45 -20.95
CA LEU A 302 -31.93 0.09 -20.70
C LEU A 302 -31.24 -0.14 -19.35
N CYS A 303 -30.36 0.78 -18.93
CA CYS A 303 -29.65 0.59 -17.66
C CYS A 303 -30.60 0.47 -16.47
N LYS A 304 -31.84 0.92 -16.64
CA LYS A 304 -32.81 0.84 -15.56
C LYS A 304 -33.91 -0.18 -15.82
N HIS A 305 -33.81 -0.89 -16.94
CA HIS A 305 -34.81 -1.90 -17.30
C HIS A 305 -34.56 -3.13 -16.44
N GLU A 306 -35.62 -3.66 -15.86
CA GLU A 306 -35.54 -4.85 -15.01
C GLU A 306 -34.72 -5.96 -15.67
N LYS A 307 -34.77 -6.04 -16.99
CA LYS A 307 -34.06 -7.09 -17.73
C LYS A 307 -32.62 -6.76 -18.10
N PHE A 308 -32.14 -5.59 -17.72
CA PHE A 308 -30.78 -5.23 -18.07
C PHE A 308 -29.81 -6.28 -17.57
N SER A 309 -29.95 -6.64 -16.31
CA SER A 309 -29.08 -7.63 -15.70
C SER A 309 -29.07 -8.97 -16.45
N GLU A 310 -30.22 -9.36 -16.99
CA GLU A 310 -30.31 -10.63 -17.71
C GLU A 310 -29.68 -10.57 -19.10
N VAL A 311 -29.72 -9.39 -19.73
CA VAL A 311 -29.15 -9.25 -21.06
C VAL A 311 -27.63 -9.28 -21.02
N LEU A 312 -27.05 -8.68 -19.98
CA LEU A 312 -25.61 -8.68 -19.85
C LEU A 312 -25.13 -10.11 -19.68
N LYS A 313 -25.87 -10.87 -18.87
CA LYS A 313 -25.51 -12.26 -18.62
C LYS A 313 -25.57 -13.10 -19.89
N ARG A 314 -26.67 -12.99 -20.64
CA ARG A 314 -26.85 -13.74 -21.87
C ARG A 314 -25.86 -13.37 -22.95
N THR A 315 -25.48 -12.09 -23.03
CA THR A 315 -24.52 -11.65 -24.04
C THR A 315 -23.09 -11.84 -23.59
N ARG A 316 -22.93 -12.24 -22.33
CA ARG A 316 -21.60 -12.45 -21.74
C ARG A 316 -20.83 -11.14 -21.73
N LEU A 317 -21.54 -10.06 -21.46
CA LEU A 317 -20.92 -8.74 -21.40
C LEU A 317 -20.94 -8.25 -19.95
N GLN A 318 -20.14 -7.24 -19.67
CA GLN A 318 -20.04 -6.68 -18.33
C GLN A 318 -20.17 -5.16 -18.41
N LYS A 319 -20.60 -4.56 -17.31
CA LYS A 319 -20.78 -3.13 -17.27
C LYS A 319 -19.98 -2.49 -16.21
N ARG A 320 -19.80 -1.21 -16.45
CA ARG A 320 -19.11 -0.42 -15.54
C ARG A 320 -19.30 1.01 -15.80
N GLY A 321 -18.51 1.74 -15.04
CA GLY A 321 -18.68 3.15 -15.04
C GLY A 321 -17.62 4.15 -15.26
N THR A 322 -17.81 4.88 -16.34
CA THR A 322 -16.97 6.02 -16.59
C THR A 322 -17.76 6.79 -17.55
N GLY A 323 -18.63 7.50 -16.83
CA GLY A 323 -19.71 8.35 -17.31
C GLY A 323 -19.66 9.29 -18.47
N GLY A 324 -18.57 9.98 -18.68
CA GLY A 324 -18.68 10.89 -19.77
C GLY A 324 -17.49 10.45 -20.47
N VAL A 325 -17.57 10.49 -21.75
CA VAL A 325 -16.39 10.02 -22.26
C VAL A 325 -15.36 10.99 -21.69
N ASP A 326 -15.70 11.98 -20.92
CA ASP A 326 -14.64 12.83 -20.48
C ASP A 326 -14.68 12.95 -19.03
N THR A 327 -15.88 13.26 -18.68
CA THR A 327 -16.25 13.52 -17.35
C THR A 327 -16.47 12.20 -16.63
N ALA A 328 -16.13 12.20 -15.35
CA ALA A 328 -16.29 11.04 -14.49
C ALA A 328 -17.54 11.15 -13.65
N ALA A 329 -18.24 10.01 -13.59
CA ALA A 329 -19.55 9.67 -12.96
C ALA A 329 -20.79 10.50 -13.23
N VAL A 330 -21.01 10.77 -14.51
CA VAL A 330 -22.14 11.55 -14.98
C VAL A 330 -22.85 10.90 -16.19
N GLY A 331 -24.09 11.36 -16.43
CA GLY A 331 -24.93 10.92 -17.53
C GLY A 331 -25.34 9.47 -17.44
N SER A 332 -25.85 8.94 -18.55
CA SER A 332 -26.25 7.54 -18.61
C SER A 332 -25.30 6.75 -19.54
N ILE A 333 -24.06 7.23 -19.62
CA ILE A 333 -22.97 6.65 -20.42
C ILE A 333 -22.24 5.55 -19.67
N TYR A 334 -22.36 4.32 -20.18
CA TYR A 334 -21.73 3.16 -19.57
C TYR A 334 -20.59 2.58 -20.36
N ASP A 335 -19.81 1.78 -19.65
CA ASP A 335 -18.66 1.08 -20.22
C ASP A 335 -19.15 -0.37 -20.27
N ILE A 336 -19.41 -0.87 -21.48
CA ILE A 336 -19.87 -2.25 -21.66
C ILE A 336 -18.79 -3.03 -22.38
N SER A 337 -18.32 -4.11 -21.76
CA SER A 337 -17.26 -4.91 -22.37
C SER A 337 -17.46 -6.42 -22.19
N ASN A 338 -16.66 -7.21 -22.88
CA ASN A 338 -16.76 -8.66 -22.77
C ASN A 338 -16.34 -9.13 -21.39
N ALA A 339 -17.03 -10.16 -20.90
CA ALA A 339 -16.73 -10.71 -19.59
C ALA A 339 -15.68 -11.84 -19.64
N ASP A 340 -15.71 -12.63 -20.71
CA ASP A 340 -14.78 -13.75 -20.90
C ASP A 340 -13.32 -13.27 -20.89
N ARG A 341 -12.40 -14.16 -20.53
CA ARG A 341 -10.97 -13.86 -20.59
C ARG A 341 -10.36 -15.08 -21.28
N LEU A 342 -10.22 -16.17 -20.54
CA LEU A 342 -9.70 -17.43 -21.03
C LEU A 342 -10.86 -18.39 -21.32
N GLY A 343 -10.68 -19.13 -22.42
CA GLY A 343 -11.61 -20.12 -22.92
C GLY A 343 -12.26 -19.69 -24.22
N PHE A 344 -12.08 -18.42 -24.55
CA PHE A 344 -12.63 -17.79 -25.76
C PHE A 344 -11.49 -16.97 -26.35
N SER A 345 -11.44 -16.88 -27.67
CA SER A 345 -10.33 -16.27 -28.42
C SER A 345 -10.60 -14.83 -28.75
N GLU A 346 -9.56 -14.02 -28.80
CA GLU A 346 -9.71 -12.59 -29.04
C GLU A 346 -10.80 -12.19 -30.00
N VAL A 347 -10.91 -12.94 -31.09
CA VAL A 347 -11.92 -12.68 -32.11
C VAL A 347 -13.31 -12.99 -31.52
N GLU A 348 -13.40 -14.05 -30.74
CA GLU A 348 -14.66 -14.43 -30.13
C GLU A 348 -15.15 -13.43 -29.11
N GLN A 349 -14.22 -12.88 -28.34
CA GLN A 349 -14.57 -11.91 -27.33
C GLN A 349 -15.02 -10.59 -27.95
N VAL A 350 -14.26 -10.08 -28.91
CA VAL A 350 -14.65 -8.83 -29.57
C VAL A 350 -15.91 -9.04 -30.41
N GLN A 351 -16.16 -10.27 -30.85
CA GLN A 351 -17.36 -10.54 -31.64
C GLN A 351 -18.58 -10.49 -30.72
N MET A 352 -18.42 -10.91 -29.47
CA MET A 352 -19.54 -10.87 -28.54
C MET A 352 -19.81 -9.43 -28.14
N VAL A 353 -18.77 -8.60 -28.18
CA VAL A 353 -18.91 -7.19 -27.84
C VAL A 353 -19.70 -6.52 -28.95
N VAL A 354 -19.30 -6.78 -30.19
CA VAL A 354 -19.95 -6.20 -31.35
C VAL A 354 -21.43 -6.59 -31.43
N ASP A 355 -21.71 -7.87 -31.29
CA ASP A 355 -23.09 -8.36 -31.37
C ASP A 355 -23.92 -7.87 -30.20
N GLY A 356 -23.40 -8.07 -28.99
CA GLY A 356 -24.11 -7.63 -27.80
C GLY A 356 -24.39 -6.14 -27.78
N VAL A 357 -23.38 -5.32 -28.08
CA VAL A 357 -23.55 -3.85 -28.09
C VAL A 357 -24.58 -3.46 -29.18
N LYS A 358 -24.54 -4.11 -30.34
CA LYS A 358 -25.52 -3.80 -31.38
C LYS A 358 -26.94 -4.12 -30.90
N LEU A 359 -27.08 -5.21 -30.13
CA LEU A 359 -28.41 -5.58 -29.62
C LEU A 359 -28.93 -4.64 -28.55
N MET A 360 -28.02 -4.13 -27.72
CA MET A 360 -28.39 -3.23 -26.62
C MET A 360 -28.91 -1.91 -27.17
N VAL A 361 -28.28 -1.45 -28.24
CA VAL A 361 -28.65 -0.22 -28.91
C VAL A 361 -30.07 -0.42 -29.46
N GLU A 362 -30.25 -1.53 -30.16
CA GLU A 362 -31.54 -1.88 -30.75
C GLU A 362 -32.56 -1.87 -29.62
N MET A 363 -32.15 -2.24 -28.41
CA MET A 363 -33.04 -2.25 -27.24
C MET A 363 -33.31 -0.85 -26.67
N GLU A 364 -32.26 -0.02 -26.55
CA GLU A 364 -32.41 1.33 -26.01
C GLU A 364 -33.50 2.01 -26.83
N LYS A 365 -33.35 1.95 -28.15
CA LYS A 365 -34.31 2.55 -29.06
C LYS A 365 -35.76 2.11 -28.80
N ARG A 366 -36.00 0.81 -28.69
CA ARG A 366 -37.36 0.31 -28.43
C ARG A 366 -37.88 0.91 -27.15
N LEU A 367 -37.01 0.97 -26.15
CA LEU A 367 -37.40 1.48 -24.85
C LEU A 367 -37.71 2.96 -24.87
N GLU A 368 -37.14 3.68 -25.81
CA GLU A 368 -37.38 5.10 -25.90
C GLU A 368 -38.79 5.30 -26.41
N ASN A 369 -39.20 4.41 -27.31
CA ASN A 369 -40.51 4.48 -27.93
C ASN A 369 -41.60 3.89 -27.05
N GLY A 370 -41.22 3.49 -25.85
CA GLY A 370 -42.17 2.92 -24.92
C GLY A 370 -42.63 1.52 -25.28
N LYS A 371 -41.98 0.92 -26.27
CA LYS A 371 -42.31 -0.42 -26.73
C LYS A 371 -41.58 -1.47 -25.89
N SER A 372 -41.88 -2.73 -26.16
CA SER A 372 -41.27 -3.83 -25.45
C SER A 372 -39.97 -4.31 -26.09
N ILE A 373 -39.16 -5.01 -25.29
CA ILE A 373 -37.90 -5.58 -25.77
C ILE A 373 -37.90 -7.10 -25.68
N ASP A 374 -39.03 -7.66 -25.25
CA ASP A 374 -39.13 -9.11 -25.16
C ASP A 374 -38.74 -9.70 -26.51
N ASP A 375 -39.15 -9.01 -27.57
CA ASP A 375 -38.88 -9.35 -28.96
C ASP A 375 -37.42 -9.54 -29.29
N LEU A 376 -36.56 -8.82 -28.57
CA LEU A 376 -35.11 -8.86 -28.80
C LEU A 376 -34.24 -9.66 -27.80
N MET A 377 -34.79 -10.05 -26.63
CA MET A 377 -34.11 -10.83 -25.58
C MET A 377 -33.07 -11.89 -26.09
N PRO A 378 -31.74 -11.64 -26.08
CA PRO A 378 -31.08 -12.80 -26.71
C PRO A 378 -31.10 -14.20 -26.11
N ALA A 379 -30.49 -15.21 -26.76
CA ALA A 379 -30.41 -16.53 -26.11
C ALA A 379 -29.11 -16.45 -25.29
N GLN A 380 -28.96 -17.35 -24.34
CA GLN A 380 -27.75 -17.39 -23.51
C GLN A 380 -26.55 -17.92 -24.30
N LYS A 381 -25.48 -17.13 -24.34
CA LYS A 381 -24.27 -17.56 -25.06
C LYS A 381 -23.37 -18.27 -24.05
N ASN B 8 18.05 -11.77 -3.34
CA ASN B 8 19.28 -11.02 -3.72
C ASN B 8 20.03 -11.69 -4.89
N LYS B 9 20.03 -13.01 -4.92
CA LYS B 9 20.72 -13.73 -5.99
C LYS B 9 20.10 -13.38 -7.34
N TRP B 10 18.78 -13.18 -7.35
CA TRP B 10 18.07 -12.84 -8.58
C TRP B 10 18.34 -11.42 -9.03
N LYS B 11 18.40 -10.48 -8.09
CA LYS B 11 18.65 -9.08 -8.45
C LYS B 11 20.11 -8.87 -8.85
N LEU B 12 20.94 -9.82 -8.44
CA LEU B 12 22.38 -9.76 -8.74
C LEU B 12 22.57 -9.83 -10.24
N ASN B 13 21.52 -10.17 -10.95
CA ASN B 13 21.58 -10.25 -12.39
C ASN B 13 21.60 -8.83 -12.96
N TYR B 14 21.31 -7.86 -12.09
CA TYR B 14 21.31 -6.45 -12.46
C TYR B 14 22.38 -5.76 -11.62
N SER B 15 22.94 -4.66 -12.12
CA SER B 15 23.99 -3.95 -11.40
C SER B 15 23.43 -3.05 -10.32
N ALA B 16 24.31 -2.61 -9.42
CA ALA B 16 23.90 -1.73 -8.33
C ALA B 16 23.22 -0.52 -8.93
N ALA B 17 23.80 0.02 -10.00
CA ALA B 17 23.24 1.20 -10.66
C ALA B 17 21.86 0.94 -11.26
N GLU B 18 21.64 -0.25 -11.81
CA GLU B 18 20.36 -0.57 -12.40
C GLU B 18 19.27 -0.67 -11.35
N GLU B 19 19.65 -1.05 -10.14
CA GLU B 19 18.71 -1.22 -9.02
C GLU B 19 18.64 -0.01 -8.09
N PHE B 20 19.61 0.90 -8.20
CA PHE B 20 19.64 2.06 -7.32
C PHE B 20 18.42 2.93 -7.54
N PRO B 21 17.66 3.19 -6.47
CA PRO B 21 16.46 4.02 -6.60
C PRO B 21 16.73 5.46 -7.05
N ASP B 22 15.77 6.02 -7.78
CA ASP B 22 15.85 7.40 -8.21
C ASP B 22 15.28 8.23 -7.06
N LEU B 23 16.14 8.86 -6.28
CA LEU B 23 15.69 9.64 -5.15
C LEU B 23 15.89 11.14 -5.40
N SER B 24 15.98 11.48 -6.69
CA SER B 24 16.17 12.86 -7.14
C SER B 24 15.21 13.86 -6.54
N LYS B 25 13.94 13.50 -6.46
CA LYS B 25 12.94 14.40 -5.94
C LYS B 25 12.48 13.99 -4.55
N HIS B 26 13.33 13.27 -3.83
CA HIS B 26 12.94 12.84 -2.51
C HIS B 26 13.47 13.69 -1.36
N ASN B 27 12.63 13.84 -0.35
CA ASN B 27 13.02 14.48 0.87
C ASN B 27 12.68 13.31 1.85
N ASN B 28 13.66 12.89 2.64
CA ASN B 28 13.48 11.98 3.77
C ASN B 28 14.88 11.64 4.17
N HIS B 29 15.09 11.31 5.43
CA HIS B 29 16.43 11.02 5.93
C HIS B 29 17.15 9.91 5.17
N MET B 30 16.41 8.89 4.77
CA MET B 30 16.99 7.77 4.04
C MET B 30 17.65 8.28 2.76
N ALA B 31 16.94 9.13 2.04
CA ALA B 31 17.44 9.67 0.78
C ALA B 31 18.65 10.58 0.93
N LYS B 32 18.72 11.32 2.03
CA LYS B 32 19.85 12.21 2.24
C LYS B 32 21.13 11.41 2.47
N ALA B 33 20.99 10.25 3.09
CA ALA B 33 22.12 9.39 3.44
C ALA B 33 22.54 8.30 2.46
N LEU B 34 21.58 7.66 1.81
CA LEU B 34 21.85 6.56 0.89
C LEU B 34 22.66 6.95 -0.34
N THR B 35 23.83 6.35 -0.52
CA THR B 35 24.64 6.64 -1.70
C THR B 35 24.72 5.37 -2.53
N LEU B 36 25.23 5.47 -3.75
CA LEU B 36 25.34 4.29 -4.60
C LEU B 36 26.37 3.33 -3.98
N ASP B 37 27.44 3.91 -3.44
CA ASP B 37 28.50 3.12 -2.81
C ASP B 37 27.91 2.29 -1.68
N ILE B 38 27.12 2.93 -0.83
CA ILE B 38 26.51 2.22 0.28
C ILE B 38 25.54 1.14 -0.26
N TYR B 39 24.75 1.48 -1.26
CA TYR B 39 23.80 0.53 -1.85
C TYR B 39 24.56 -0.67 -2.42
N LYS B 40 25.58 -0.39 -3.22
CA LYS B 40 26.41 -1.41 -3.82
C LYS B 40 26.98 -2.38 -2.79
N LYS B 41 27.48 -1.85 -1.69
CA LYS B 41 28.06 -2.71 -0.67
C LYS B 41 27.07 -3.47 0.21
N LEU B 42 25.88 -2.92 0.43
CA LEU B 42 24.91 -3.61 1.29
C LEU B 42 23.78 -4.36 0.58
N ARG B 43 23.63 -4.15 -0.72
CA ARG B 43 22.55 -4.78 -1.49
C ARG B 43 22.54 -6.31 -1.48
N ASP B 44 23.69 -6.90 -1.19
CA ASP B 44 23.79 -8.35 -1.17
C ASP B 44 23.72 -8.98 0.22
N LYS B 45 23.53 -8.16 1.25
CA LYS B 45 23.44 -8.68 2.62
C LYS B 45 21.99 -9.01 2.97
N GLU B 46 21.85 -9.69 4.07
CA GLU B 46 20.54 -10.05 4.62
C GLU B 46 20.70 -10.42 6.08
N THR B 47 19.65 -10.28 6.85
CA THR B 47 19.70 -10.61 8.26
C THR B 47 19.27 -12.07 8.42
N PRO B 48 19.45 -12.62 9.62
CA PRO B 48 19.07 -14.02 9.87
C PRO B 48 17.64 -14.35 9.51
N SER B 49 16.77 -13.35 9.53
CA SER B 49 15.38 -13.56 9.20
C SER B 49 15.04 -13.30 7.74
N GLY B 50 16.03 -12.94 6.93
CA GLY B 50 15.78 -12.67 5.53
C GLY B 50 15.56 -11.24 5.09
N PHE B 51 15.75 -10.26 5.98
CA PHE B 51 15.55 -8.85 5.61
C PHE B 51 16.73 -8.27 4.84
N THR B 52 16.43 -7.52 3.79
CA THR B 52 17.45 -6.92 2.91
C THR B 52 17.41 -5.38 2.87
N LEU B 53 18.43 -4.79 2.25
CA LEU B 53 18.50 -3.33 2.12
C LEU B 53 17.27 -2.80 1.40
N ASP B 54 16.85 -3.50 0.35
CA ASP B 54 15.67 -3.07 -0.40
C ASP B 54 14.43 -3.04 0.48
N ASP B 55 14.29 -4.03 1.35
CA ASP B 55 13.16 -4.06 2.27
C ASP B 55 13.23 -2.85 3.19
N ILE B 56 14.41 -2.60 3.74
CA ILE B 56 14.61 -1.47 4.64
C ILE B 56 14.21 -0.11 4.07
N ILE B 57 14.71 0.19 2.87
CA ILE B 57 14.43 1.49 2.26
C ILE B 57 13.15 1.64 1.46
N GLN B 58 12.41 0.54 1.25
CA GLN B 58 11.21 0.63 0.42
C GLN B 58 10.26 1.77 0.76
N THR B 59 9.98 2.02 2.03
CA THR B 59 9.04 3.08 2.37
C THR B 59 9.55 4.46 2.00
N GLY B 60 10.87 4.63 2.03
CA GLY B 60 11.45 5.92 1.69
C GLY B 60 11.51 6.14 0.19
N VAL B 61 11.46 5.05 -0.59
CA VAL B 61 11.48 5.22 -2.04
C VAL B 61 10.05 5.52 -2.47
N ASP B 62 9.06 4.90 -1.81
CA ASP B 62 7.65 5.11 -2.15
C ASP B 62 7.08 6.45 -1.67
N ASN B 63 7.59 6.91 -0.53
CA ASN B 63 7.12 8.13 0.11
C ASN B 63 8.19 9.22 0.10
N PRO B 64 8.26 9.99 -1.00
CA PRO B 64 9.22 11.08 -1.18
C PRO B 64 9.02 12.26 -0.24
N GLY B 65 7.83 12.37 0.34
CA GLY B 65 7.55 13.45 1.27
C GLY B 65 6.46 13.03 2.25
N HIS B 66 5.98 13.96 3.05
CA HIS B 66 4.90 13.65 3.97
C HIS B 66 4.18 14.96 4.14
N PRO B 67 2.84 14.93 4.09
CA PRO B 67 2.08 16.17 4.24
C PRO B 67 2.26 17.01 5.55
N PHE B 68 2.66 16.41 6.70
CA PHE B 68 2.83 17.19 7.97
C PHE B 68 4.20 17.13 8.67
N ILE B 69 5.05 16.16 8.31
CA ILE B 69 6.35 16.05 8.96
C ILE B 69 7.48 15.47 8.12
N MET B 70 8.70 15.60 8.64
CA MET B 70 9.91 15.09 7.98
C MET B 70 10.04 13.65 8.39
N THR B 71 10.03 12.75 7.41
CA THR B 71 10.11 11.33 7.70
C THR B 71 11.48 10.71 7.51
N VAL B 72 11.67 9.55 8.14
CA VAL B 72 12.93 8.83 8.09
C VAL B 72 13.09 8.07 6.79
N GLY B 73 12.02 7.44 6.32
CA GLY B 73 12.12 6.75 5.05
C GLY B 73 12.78 5.38 5.01
N CYS B 74 13.02 4.80 6.18
CA CYS B 74 13.50 3.43 6.24
C CYS B 74 12.93 2.78 7.52
N VAL B 75 13.04 1.46 7.63
CA VAL B 75 12.63 0.72 8.81
C VAL B 75 13.49 -0.53 8.97
N ALA B 76 13.50 -1.08 10.17
CA ALA B 76 14.23 -2.31 10.49
C ALA B 76 13.20 -3.42 10.53
N GLY B 77 13.56 -4.58 9.99
CA GLY B 77 12.66 -5.71 9.98
C GLY B 77 12.92 -6.64 11.15
N ASP B 78 14.09 -6.49 11.78
CA ASP B 78 14.48 -7.30 12.92
C ASP B 78 15.59 -6.58 13.66
N GLU B 79 16.06 -7.18 14.75
CA GLU B 79 17.10 -6.53 15.54
C GLU B 79 18.43 -6.29 14.81
N GLU B 80 18.92 -7.30 14.11
CA GLU B 80 20.20 -7.19 13.41
C GLU B 80 20.27 -6.21 12.25
N CYS B 81 19.12 -5.71 11.79
CA CYS B 81 19.14 -4.75 10.70
C CYS B 81 20.00 -3.56 11.07
N TYR B 82 19.87 -3.12 12.31
CA TYR B 82 20.64 -1.97 12.75
C TYR B 82 22.15 -2.21 12.74
N GLU B 83 22.57 -3.48 12.83
CA GLU B 83 24.00 -3.77 12.79
C GLU B 83 24.49 -4.10 11.39
N VAL B 84 23.79 -4.99 10.70
CA VAL B 84 24.16 -5.40 9.33
C VAL B 84 24.09 -4.25 8.32
N PHE B 85 23.13 -3.35 8.52
CA PHE B 85 22.92 -2.24 7.61
C PHE B 85 23.33 -0.93 8.26
N LYS B 86 24.33 -1.06 9.13
CA LYS B 86 24.92 0.04 9.90
C LYS B 86 25.25 1.24 9.04
N ASP B 87 25.81 0.98 7.89
CA ASP B 87 26.25 2.02 6.95
C ASP B 87 25.07 2.93 6.58
N LEU B 88 23.88 2.41 6.60
CA LEU B 88 22.72 3.20 6.24
C LEU B 88 22.01 3.82 7.42
N PHE B 89 21.87 3.04 8.48
CA PHE B 89 21.17 3.50 9.67
C PHE B 89 21.96 4.50 10.51
N ASP B 90 23.29 4.38 10.48
CA ASP B 90 24.13 5.28 11.28
C ASP B 90 24.00 6.76 10.88
N PRO B 91 24.20 7.10 9.59
CA PRO B 91 24.03 8.53 9.30
C PRO B 91 22.55 8.95 9.40
N VAL B 92 21.62 8.01 9.14
CA VAL B 92 20.19 8.31 9.23
C VAL B 92 19.84 8.68 10.68
N ILE B 93 20.39 7.93 11.61
CA ILE B 93 20.16 8.14 13.04
C ILE B 93 20.76 9.47 13.53
N GLU B 94 21.93 9.81 13.02
CA GLU B 94 22.62 11.03 13.40
C GLU B 94 21.89 12.23 12.86
N ASP B 95 21.27 12.05 11.69
CA ASP B 95 20.52 13.13 11.07
C ASP B 95 19.19 13.34 11.81
N ARG B 96 18.42 12.27 11.94
CA ARG B 96 17.12 12.37 12.60
C ARG B 96 17.12 12.76 14.09
N HIS B 97 18.12 12.34 14.84
CA HIS B 97 18.14 12.66 16.26
C HIS B 97 19.02 13.86 16.63
N GLY B 98 19.40 14.64 15.64
CA GLY B 98 20.19 15.81 15.90
C GLY B 98 21.66 15.60 15.58
N GLY B 99 22.30 14.74 16.38
CA GLY B 99 23.70 14.45 16.16
C GLY B 99 24.16 13.20 16.88
N TYR B 100 23.23 12.34 17.28
CA TYR B 100 23.61 11.14 17.99
C TYR B 100 24.44 10.25 17.07
N LYS B 101 25.69 10.10 17.56
CA LYS B 101 26.86 9.39 17.02
C LYS B 101 26.75 7.90 17.23
N PRO B 102 27.36 7.11 16.33
CA PRO B 102 27.27 5.66 16.51
C PRO B 102 28.07 5.17 17.71
N THR B 103 29.04 5.97 18.14
CA THR B 103 29.85 5.59 19.30
C THR B 103 29.24 6.07 20.62
N ASP B 104 28.11 6.75 20.55
CA ASP B 104 27.46 7.24 21.77
C ASP B 104 26.67 6.11 22.42
N LYS B 105 26.43 6.23 23.72
CA LYS B 105 25.69 5.21 24.45
C LYS B 105 24.42 5.80 25.02
N HIS B 106 23.36 4.99 25.05
CA HIS B 106 22.08 5.44 25.55
C HIS B 106 21.92 5.15 27.04
N LYS B 107 21.25 6.05 27.75
CA LYS B 107 21.01 5.86 29.17
C LYS B 107 19.55 6.03 29.51
N THR B 108 19.03 5.07 30.25
CA THR B 108 17.67 5.09 30.68
C THR B 108 17.53 5.84 32.03
N ASP B 109 16.34 6.35 32.27
CA ASP B 109 16.01 6.88 33.57
C ASP B 109 14.48 6.56 33.42
N LEU B 110 13.86 5.86 34.37
CA LEU B 110 12.42 5.68 34.38
C LEU B 110 11.84 6.35 35.63
N ASN B 111 12.72 6.69 36.57
CA ASN B 111 12.32 7.25 37.84
C ASN B 111 11.62 8.57 37.80
N GLN B 112 10.30 8.52 37.91
CA GLN B 112 9.48 9.73 37.86
C GLN B 112 9.92 10.81 38.82
N GLU B 113 10.40 10.41 40.00
CA GLU B 113 10.84 11.35 41.02
C GLU B 113 11.78 12.44 40.50
N ASN B 114 12.62 12.08 39.52
CA ASN B 114 13.58 13.03 38.95
C ASN B 114 12.95 14.09 38.04
N LEU B 115 11.66 13.95 37.78
CA LEU B 115 10.96 14.91 36.95
C LEU B 115 10.56 16.08 37.84
N LYS B 116 10.94 17.29 37.47
CA LYS B 116 10.58 18.48 38.27
C LYS B 116 9.27 19.07 37.78
N GLY B 117 8.32 19.23 38.70
CA GLY B 117 7.03 19.80 38.33
C GLY B 117 6.34 19.08 37.20
N GLY B 118 5.55 19.85 36.44
CA GLY B 118 4.81 19.32 35.30
C GLY B 118 3.39 18.88 35.65
N ASP B 119 2.97 19.23 36.87
CA ASP B 119 1.63 18.89 37.38
C ASP B 119 0.80 20.16 37.39
N ASP B 120 1.10 21.06 36.47
CA ASP B 120 0.53 22.40 36.45
C ASP B 120 -0.02 22.90 35.12
N LEU B 121 0.26 22.18 34.04
CA LEU B 121 -0.11 22.67 32.74
C LEU B 121 -1.42 23.40 32.59
N ASP B 122 -1.32 24.64 32.11
CA ASP B 122 -2.51 25.41 32.00
C ASP B 122 -3.49 24.65 31.22
N PRO B 123 -4.49 24.19 32.00
CA PRO B 123 -5.68 23.40 31.69
C PRO B 123 -6.56 24.17 30.75
N ASN B 124 -6.32 25.47 30.64
CA ASN B 124 -7.12 26.31 29.75
C ASN B 124 -6.56 26.21 28.33
N TYR B 125 -5.32 25.74 28.23
CA TYR B 125 -4.63 25.59 26.96
C TYR B 125 -4.26 24.15 26.63
N VAL B 126 -3.90 23.40 27.66
CA VAL B 126 -3.53 22.00 27.52
C VAL B 126 -4.77 21.15 27.80
N LEU B 127 -5.30 20.54 26.75
CA LEU B 127 -6.51 19.73 26.88
C LEU B 127 -6.22 18.30 27.25
N SER B 128 -4.99 17.86 27.06
CA SER B 128 -4.65 16.48 27.38
C SER B 128 -3.15 16.28 27.44
N SER B 129 -2.72 15.28 28.21
CA SER B 129 -1.31 14.93 28.35
C SER B 129 -1.16 13.44 28.08
N ARG B 130 -0.07 13.07 27.41
CA ARG B 130 0.16 11.67 27.07
C ARG B 130 1.64 11.30 26.95
N VAL B 131 1.99 10.11 27.43
CA VAL B 131 3.36 9.63 27.33
C VAL B 131 3.33 8.19 26.87
N ARG B 132 3.98 7.91 25.76
CA ARG B 132 4.01 6.56 25.21
C ARG B 132 5.41 6.14 24.84
N THR B 133 5.59 4.83 24.71
CA THR B 133 6.88 4.27 24.31
C THR B 133 6.59 2.96 23.60
N GLY B 134 7.62 2.37 23.02
CA GLY B 134 7.45 1.11 22.34
C GLY B 134 8.49 0.10 22.81
N ARG B 135 8.17 -1.17 22.68
CA ARG B 135 9.08 -2.25 23.05
C ARG B 135 8.94 -3.36 22.00
N SER B 136 10.05 -4.03 21.73
CA SER B 136 10.07 -5.14 20.77
C SER B 136 10.47 -6.37 21.57
N ILE B 137 9.94 -7.53 21.19
CA ILE B 137 10.29 -8.75 21.90
C ILE B 137 11.47 -9.46 21.21
N LYS B 138 12.47 -9.82 22.00
CA LYS B 138 13.66 -10.51 21.51
C LYS B 138 13.33 -11.79 20.76
N GLY B 139 14.00 -12.03 19.65
CA GLY B 139 13.77 -13.26 18.90
C GLY B 139 12.54 -13.26 18.02
N ILE B 140 11.90 -12.11 17.86
CA ILE B 140 10.73 -12.05 17.00
C ILE B 140 10.93 -10.88 16.06
N ALA B 141 10.73 -11.12 14.76
CA ALA B 141 10.90 -10.08 13.76
C ALA B 141 9.92 -8.93 14.01
N LEU B 142 10.33 -7.74 13.59
CA LEU B 142 9.54 -6.52 13.74
C LEU B 142 8.38 -6.48 12.75
N PRO B 143 7.35 -5.66 13.02
CA PRO B 143 6.15 -5.48 12.21
C PRO B 143 6.29 -5.42 10.70
N PRO B 144 7.29 -4.67 10.21
CA PRO B 144 7.42 -4.61 8.75
C PRO B 144 7.69 -5.95 8.13
N HIS B 145 8.13 -6.87 8.94
CA HIS B 145 8.51 -8.14 8.39
C HIS B 145 7.98 -9.42 9.07
N CYS B 146 7.42 -9.31 10.29
CA CYS B 146 6.90 -10.46 11.05
C CYS B 146 5.87 -11.31 10.32
N SER B 147 5.95 -12.62 10.52
CA SER B 147 5.02 -13.57 9.90
C SER B 147 3.74 -13.59 10.74
N ARG B 148 2.67 -14.16 10.22
CA ARG B 148 1.43 -14.25 10.98
C ARG B 148 1.66 -15.04 12.28
N GLY B 149 2.45 -16.11 12.22
CA GLY B 149 2.73 -16.90 13.42
C GLY B 149 3.48 -16.11 14.48
N GLU B 150 4.43 -15.28 14.03
CA GLU B 150 5.20 -14.44 14.94
C GLU B 150 4.31 -13.38 15.55
N ARG B 151 3.44 -12.77 14.74
CA ARG B 151 2.56 -11.73 15.25
C ARG B 151 1.63 -12.30 16.31
N ARG B 152 1.14 -13.51 16.04
CA ARG B 152 0.24 -14.20 16.95
C ARG B 152 0.95 -14.57 18.26
N LEU B 153 2.26 -14.80 18.19
CA LEU B 153 3.02 -15.14 19.39
C LEU B 153 3.15 -13.90 20.27
N VAL B 154 3.31 -12.74 19.62
CA VAL B 154 3.41 -11.48 20.35
C VAL B 154 2.08 -11.24 21.06
N GLU B 155 0.97 -11.42 20.35
CA GLU B 155 -0.35 -11.23 20.94
C GLU B 155 -0.55 -12.15 22.15
N LYS B 156 -0.16 -13.41 22.01
CA LYS B 156 -0.27 -14.39 23.09
C LYS B 156 0.54 -13.95 24.31
N LEU B 157 1.79 -13.56 24.07
CA LEU B 157 2.66 -13.13 25.15
C LEU B 157 2.06 -11.92 25.88
N CYS B 158 1.47 -11.00 25.12
CA CYS B 158 0.86 -9.81 25.70
C CYS B 158 -0.38 -10.12 26.53
N ILE B 159 -1.28 -10.94 25.97
CA ILE B 159 -2.51 -11.35 26.66
C ILE B 159 -2.17 -12.01 28.00
N ASP B 160 -1.32 -13.04 27.94
CA ASP B 160 -0.90 -13.74 29.15
C ASP B 160 -0.15 -12.81 30.09
N GLY B 161 0.87 -12.15 29.55
CA GLY B 161 1.68 -11.25 30.35
C GLY B 161 0.97 -10.07 30.98
N LEU B 162 0.09 -9.40 30.24
CA LEU B 162 -0.63 -8.25 30.77
C LEU B 162 -1.79 -8.65 31.66
N ALA B 163 -2.28 -9.86 31.49
CA ALA B 163 -3.40 -10.31 32.31
C ALA B 163 -3.05 -10.42 33.79
N THR B 164 -1.75 -10.43 34.09
CA THR B 164 -1.30 -10.55 35.46
C THR B 164 -1.18 -9.23 36.20
N LEU B 165 -1.50 -8.13 35.52
CA LEU B 165 -1.43 -6.82 36.17
C LEU B 165 -2.67 -6.66 37.03
N THR B 166 -2.59 -5.80 38.04
CA THR B 166 -3.74 -5.62 38.91
C THR B 166 -3.91 -4.20 39.40
N GLY B 167 -5.07 -4.00 40.02
CA GLY B 167 -5.45 -2.75 40.61
C GLY B 167 -5.60 -1.64 39.62
N GLU B 168 -4.81 -0.60 39.83
CA GLU B 168 -4.85 0.53 38.92
C GLU B 168 -4.51 0.06 37.52
N PHE B 169 -3.79 -1.06 37.43
CA PHE B 169 -3.39 -1.60 36.13
C PHE B 169 -4.16 -2.84 35.72
N GLN B 170 -5.19 -3.16 36.47
CA GLN B 170 -6.02 -4.31 36.16
C GLN B 170 -6.59 -3.95 34.80
N GLY B 171 -6.63 -4.89 33.87
CA GLY B 171 -7.16 -4.57 32.56
C GLY B 171 -7.71 -5.74 31.77
N LYS B 172 -8.20 -5.44 30.57
CA LYS B 172 -8.76 -6.44 29.67
C LYS B 172 -8.11 -6.23 28.30
N TYR B 173 -8.12 -7.27 27.46
CA TYR B 173 -7.53 -7.17 26.12
C TYR B 173 -8.64 -7.24 25.10
N TYR B 174 -8.63 -6.31 24.15
CA TYR B 174 -9.67 -6.29 23.13
C TYR B 174 -9.05 -6.44 21.74
N PRO B 175 -9.19 -7.63 21.13
CA PRO B 175 -8.63 -7.83 19.79
C PRO B 175 -9.47 -7.05 18.80
N LEU B 176 -8.84 -6.48 17.78
CA LEU B 176 -9.57 -5.71 16.79
C LEU B 176 -10.72 -6.50 16.19
N SER B 177 -10.54 -7.81 16.12
CA SER B 177 -11.55 -8.71 15.55
C SER B 177 -12.76 -8.91 16.45
N SER B 178 -12.63 -8.54 17.72
CA SER B 178 -13.76 -8.68 18.63
C SER B 178 -14.54 -7.36 18.67
N MET B 179 -13.96 -6.33 18.03
CA MET B 179 -14.58 -5.00 17.99
C MET B 179 -15.36 -4.73 16.73
N SER B 180 -16.55 -4.14 16.89
CA SER B 180 -17.38 -3.79 15.74
C SER B 180 -16.75 -2.55 15.13
N ASP B 181 -17.08 -2.25 13.88
CA ASP B 181 -16.51 -1.07 13.25
C ASP B 181 -16.81 0.18 14.06
N ALA B 182 -18.01 0.27 14.64
CA ALA B 182 -18.38 1.43 15.44
C ALA B 182 -17.58 1.55 16.73
N GLU B 183 -17.38 0.44 17.43
CA GLU B 183 -16.61 0.46 18.67
C GLU B 183 -15.19 0.90 18.36
N GLN B 184 -14.66 0.39 17.25
CA GLN B 184 -13.30 0.73 16.86
C GLN B 184 -13.15 2.23 16.64
N GLN B 185 -14.02 2.80 15.81
CA GLN B 185 -13.95 4.23 15.54
C GLN B 185 -14.18 5.10 16.79
N GLN B 186 -14.93 4.59 17.76
CA GLN B 186 -15.15 5.37 18.98
C GLN B 186 -13.82 5.48 19.70
N LEU B 187 -13.15 4.34 19.82
CA LEU B 187 -11.86 4.24 20.47
C LEU B 187 -10.84 5.14 19.76
N ILE B 188 -11.01 5.30 18.45
CA ILE B 188 -10.11 6.13 17.64
C ILE B 188 -10.46 7.59 17.83
N ASP B 189 -11.74 7.92 17.70
CA ASP B 189 -12.19 9.30 17.90
C ASP B 189 -11.73 9.79 19.29
N ASP B 190 -11.73 8.89 20.27
CA ASP B 190 -11.31 9.24 21.64
C ASP B 190 -9.79 9.20 21.88
N HIS B 191 -9.01 9.07 20.81
CA HIS B 191 -7.55 9.07 20.88
C HIS B 191 -6.94 7.97 21.74
N PHE B 192 -7.58 6.82 21.77
CA PHE B 192 -7.05 5.76 22.59
C PHE B 192 -6.42 4.66 21.70
N LEU B 193 -7.16 4.27 20.68
CA LEU B 193 -6.74 3.21 19.76
C LEU B 193 -6.07 3.71 18.47
N PHE B 194 -5.10 2.94 17.99
CA PHE B 194 -4.41 3.30 16.76
C PHE B 194 -5.44 3.32 15.65
N ASP B 195 -5.24 4.22 14.70
CA ASP B 195 -6.14 4.42 13.58
C ASP B 195 -6.21 3.23 12.64
N LYS B 196 -7.07 3.35 11.64
CA LYS B 196 -7.17 2.32 10.62
C LYS B 196 -5.78 2.29 9.96
N PRO B 197 -5.40 1.16 9.36
CA PRO B 197 -4.08 1.06 8.71
C PRO B 197 -4.01 2.02 7.55
N ILE B 198 -3.70 3.27 7.79
CA ILE B 198 -3.73 4.17 6.65
C ILE B 198 -2.51 5.02 6.46
N SER B 199 -1.66 4.95 7.46
CA SER B 199 -0.43 5.69 7.43
C SER B 199 0.36 5.23 6.20
N PRO B 200 0.93 6.16 5.43
CA PRO B 200 1.70 5.73 4.26
C PRO B 200 2.94 4.87 4.61
N LEU B 201 3.48 5.07 5.81
CA LEU B 201 4.64 4.29 6.27
C LEU B 201 4.17 2.89 6.62
N LEU B 202 3.12 2.82 7.44
CA LEU B 202 2.58 1.52 7.85
C LEU B 202 2.27 0.70 6.59
N LEU B 203 1.72 1.36 5.57
CA LEU B 203 1.38 0.66 4.34
C LEU B 203 2.59 0.25 3.48
N ALA B 204 3.43 1.21 3.11
CA ALA B 204 4.58 0.90 2.26
C ALA B 204 5.64 0.00 2.86
N SER B 205 5.71 -0.08 4.19
CA SER B 205 6.74 -0.92 4.82
C SER B 205 6.28 -2.37 5.04
N GLY B 206 5.04 -2.67 4.66
CA GLY B 206 4.54 -4.01 4.86
C GLY B 206 3.96 -4.25 6.26
N MET B 207 3.85 -3.19 7.05
CA MET B 207 3.29 -3.35 8.40
C MET B 207 1.77 -3.49 8.46
N ALA B 208 1.11 -3.49 7.31
CA ALA B 208 -0.35 -3.62 7.30
C ALA B 208 -0.81 -5.02 6.89
N ARG B 209 0.15 -5.92 6.69
CA ARG B 209 -0.15 -7.28 6.28
C ARG B 209 -1.06 -8.03 7.27
N ASP B 210 -2.07 -8.69 6.71
CA ASP B 210 -3.01 -9.52 7.46
C ASP B 210 -3.85 -8.79 8.49
N TRP B 211 -3.96 -7.48 8.37
CA TRP B 211 -4.78 -6.68 9.30
C TRP B 211 -6.23 -7.28 9.23
N PRO B 212 -6.96 -7.35 10.34
CA PRO B 212 -6.67 -6.94 11.74
C PRO B 212 -6.05 -8.16 12.51
N ASP B 213 -5.77 -9.29 11.84
CA ASP B 213 -5.23 -10.50 12.52
C ASP B 213 -4.10 -10.16 13.49
N GLY B 214 -4.25 -10.53 14.76
CA GLY B 214 -3.22 -10.27 15.76
C GLY B 214 -3.13 -8.89 16.39
N ARG B 215 -3.88 -7.91 15.87
CA ARG B 215 -3.85 -6.56 16.43
C ARG B 215 -4.91 -6.39 17.51
N GLY B 216 -4.66 -5.48 18.44
CA GLY B 216 -5.63 -5.24 19.49
C GLY B 216 -5.13 -4.20 20.46
N ILE B 217 -5.94 -3.92 21.47
CA ILE B 217 -5.58 -2.95 22.48
C ILE B 217 -5.94 -3.50 23.85
N TRP B 218 -5.05 -3.25 24.81
CA TRP B 218 -5.27 -3.67 26.18
C TRP B 218 -5.27 -2.38 26.97
N HIS B 219 -6.11 -2.30 28.01
CA HIS B 219 -6.19 -1.12 28.86
C HIS B 219 -7.01 -1.39 30.10
N ASN B 220 -6.83 -0.54 31.11
CA ASN B 220 -7.55 -0.64 32.37
C ASN B 220 -8.95 -0.08 32.19
N ASN B 221 -9.78 -0.15 33.23
CA ASN B 221 -11.15 0.36 33.13
C ASN B 221 -11.21 1.86 32.89
N ASP B 222 -10.25 2.59 33.46
CA ASP B 222 -10.22 4.03 33.32
C ASP B 222 -9.63 4.52 32.01
N LYS B 223 -9.04 3.60 31.24
CA LYS B 223 -8.45 3.96 29.97
C LYS B 223 -7.35 5.01 30.12
N THR B 224 -6.62 4.96 31.24
CA THR B 224 -5.53 5.91 31.51
C THR B 224 -4.17 5.27 31.26
N PHE B 225 -4.16 3.94 31.17
CA PHE B 225 -2.95 3.19 30.90
C PHE B 225 -3.32 2.14 29.84
N LEU B 226 -2.66 2.20 28.69
CA LEU B 226 -2.99 1.27 27.61
C LEU B 226 -1.78 0.69 26.91
N VAL B 227 -2.02 -0.40 26.17
CA VAL B 227 -0.98 -1.05 25.42
C VAL B 227 -1.52 -1.47 24.07
N TRP B 228 -0.93 -0.91 23.01
CA TRP B 228 -1.31 -1.25 21.65
C TRP B 228 -0.55 -2.54 21.35
N VAL B 229 -1.23 -3.55 20.83
CA VAL B 229 -0.56 -4.83 20.54
C VAL B 229 -0.42 -5.06 19.04
N ASN B 230 0.82 -5.08 18.57
CA ASN B 230 1.12 -5.35 17.16
C ASN B 230 0.60 -4.31 16.17
N GLU B 231 1.12 -3.08 16.23
CA GLU B 231 0.71 -2.02 15.29
C GLU B 231 1.88 -1.51 14.42
N GLU B 232 2.71 -0.58 14.93
CA GLU B 232 3.90 -0.14 14.21
C GLU B 232 5.04 -0.92 14.96
N ASP B 233 4.80 -1.28 16.23
CA ASP B 233 5.71 -2.07 17.10
C ASP B 233 4.96 -3.20 17.86
N HIS B 234 5.68 -4.18 18.39
CA HIS B 234 5.05 -5.29 19.12
C HIS B 234 4.13 -4.71 20.18
N LEU B 235 4.68 -3.79 20.98
CA LEU B 235 3.91 -3.14 22.02
C LEU B 235 4.16 -1.64 22.02
N ARG B 236 3.11 -0.88 22.28
CA ARG B 236 3.20 0.57 22.43
C ARG B 236 2.49 0.74 23.78
N VAL B 237 3.25 1.11 24.80
CA VAL B 237 2.74 1.29 26.14
C VAL B 237 2.39 2.75 26.31
N ILE B 238 1.12 3.00 26.64
CA ILE B 238 0.63 4.36 26.75
C ILE B 238 0.03 4.74 28.10
N SER B 239 0.18 6.01 28.45
CA SER B 239 -0.37 6.57 29.68
C SER B 239 -0.92 7.92 29.27
N MET B 240 -2.18 8.18 29.59
CA MET B 240 -2.76 9.45 29.21
C MET B 240 -4.02 9.81 29.98
N GLN B 241 -4.38 11.09 29.94
CA GLN B 241 -5.57 11.60 30.61
C GLN B 241 -5.85 13.03 30.17
N LYS B 242 -7.12 13.44 30.21
CA LYS B 242 -7.47 14.81 29.84
C LYS B 242 -6.77 15.73 30.83
N GLY B 243 -6.44 16.94 30.41
CA GLY B 243 -5.80 17.85 31.33
C GLY B 243 -4.29 18.00 31.17
N GLY B 244 -3.69 18.84 32.02
CA GLY B 244 -2.26 19.10 31.97
C GLY B 244 -1.41 18.70 33.17
N ASN B 245 -1.71 17.55 33.78
CA ASN B 245 -0.96 17.06 34.95
C ASN B 245 0.10 16.08 34.48
N MET B 246 0.95 16.60 33.62
CA MET B 246 2.00 15.85 33.00
C MET B 246 2.78 14.96 33.93
N LYS B 247 2.81 15.31 35.21
CA LYS B 247 3.55 14.53 36.19
C LYS B 247 2.81 13.25 36.56
N GLU B 248 1.49 13.34 36.66
CA GLU B 248 0.71 12.16 37.03
C GLU B 248 0.75 11.13 35.89
N VAL B 249 0.73 11.64 34.66
CA VAL B 249 0.77 10.78 33.49
C VAL B 249 2.06 9.97 33.49
N PHE B 250 3.19 10.65 33.68
CA PHE B 250 4.52 10.05 33.68
C PHE B 250 4.71 9.01 34.81
N ARG B 251 4.11 9.27 35.97
CA ARG B 251 4.22 8.37 37.10
C ARG B 251 3.54 7.04 36.77
N ARG B 252 2.34 7.14 36.18
CA ARG B 252 1.60 5.96 35.79
C ARG B 252 2.39 5.28 34.69
N PHE B 253 3.05 6.08 33.85
CA PHE B 253 3.85 5.56 32.74
C PHE B 253 4.98 4.67 33.24
N CYS B 254 5.85 5.24 34.07
CA CYS B 254 6.99 4.52 34.64
C CYS B 254 6.62 3.29 35.44
N VAL B 255 5.62 3.41 36.30
CA VAL B 255 5.19 2.30 37.14
C VAL B 255 4.63 1.12 36.33
N GLY B 256 3.69 1.39 35.44
CA GLY B 256 3.15 0.30 34.64
C GLY B 256 4.19 -0.34 33.74
N LEU B 257 5.00 0.50 33.11
CA LEU B 257 6.04 0.02 32.20
C LEU B 257 7.03 -0.87 32.92
N LYS B 258 7.55 -0.39 34.05
CA LYS B 258 8.51 -1.18 34.82
C LYS B 258 7.88 -2.52 35.15
N LYS B 259 6.61 -2.52 35.54
CA LYS B 259 5.94 -3.76 35.84
C LYS B 259 5.94 -4.63 34.60
N ILE B 260 5.44 -4.08 33.49
CA ILE B 260 5.39 -4.82 32.24
C ILE B 260 6.74 -5.45 31.88
N GLU B 261 7.81 -4.68 31.99
CA GLU B 261 9.14 -5.16 31.66
C GLU B 261 9.59 -6.30 32.57
N ASP B 262 9.15 -6.29 33.83
CA ASP B 262 9.57 -7.35 34.73
C ASP B 262 8.82 -8.63 34.44
N ILE B 263 7.55 -8.47 34.07
CA ILE B 263 6.69 -9.62 33.76
C ILE B 263 7.26 -10.39 32.56
N PHE B 264 7.61 -9.67 31.51
CA PHE B 264 8.19 -10.28 30.32
C PHE B 264 9.55 -10.89 30.66
N VAL B 265 10.37 -10.15 31.40
CA VAL B 265 11.69 -10.66 31.79
C VAL B 265 11.51 -11.96 32.55
N LYS B 266 10.60 -11.97 33.51
CA LYS B 266 10.35 -13.17 34.30
C LYS B 266 9.87 -14.31 33.43
N ALA B 267 9.15 -13.99 32.36
CA ALA B 267 8.64 -15.04 31.47
C ALA B 267 9.72 -15.47 30.49
N GLY B 268 10.91 -14.88 30.65
CA GLY B 268 12.03 -15.21 29.77
C GLY B 268 11.83 -14.66 28.37
N ARG B 269 11.22 -13.48 28.28
CA ARG B 269 10.92 -12.83 26.99
C ARG B 269 11.53 -11.49 26.64
N GLY B 270 12.40 -11.02 27.52
CA GLY B 270 12.91 -9.67 27.39
C GLY B 270 12.70 -8.82 26.16
N PHE B 271 13.04 -7.55 26.26
CA PHE B 271 12.91 -6.64 25.14
C PHE B 271 14.24 -6.31 24.45
N MET B 272 14.16 -6.02 23.16
CA MET B 272 15.32 -5.68 22.35
C MET B 272 15.98 -4.41 22.84
N TRP B 273 17.23 -4.53 23.25
CA TRP B 273 17.96 -3.40 23.79
C TRP B 273 19.45 -3.52 23.45
N ASN B 274 20.09 -2.41 23.17
CA ASN B 274 21.52 -2.39 22.88
C ASN B 274 22.08 -1.10 23.49
N GLU B 275 23.32 -1.16 23.92
CA GLU B 275 24.01 -0.02 24.56
C GLU B 275 24.01 1.30 23.79
N HIS B 276 24.05 1.20 22.46
CA HIS B 276 24.10 2.39 21.61
C HIS B 276 22.74 2.96 21.23
N LEU B 277 21.91 2.14 20.60
CA LEU B 277 20.61 2.58 20.14
C LEU B 277 19.51 2.50 21.19
N GLY B 278 19.85 2.00 22.38
CA GLY B 278 18.86 1.88 23.42
C GLY B 278 17.80 0.89 23.00
N TYR B 279 16.53 1.24 23.19
CA TYR B 279 15.45 0.34 22.81
C TYR B 279 15.26 0.27 21.30
N VAL B 280 15.28 -0.95 20.78
CA VAL B 280 15.15 -1.19 19.36
C VAL B 280 13.69 -1.29 18.91
N LEU B 281 13.34 -0.46 17.94
CA LEU B 281 11.97 -0.45 17.41
C LEU B 281 12.02 -0.33 15.88
N THR B 282 10.86 -0.45 15.25
CA THR B 282 10.75 -0.41 13.80
C THR B 282 11.38 0.80 13.12
N CYS B 283 10.94 2.00 13.50
CA CYS B 283 11.46 3.22 12.91
C CYS B 283 12.63 3.78 13.70
N PRO B 284 13.67 4.23 12.99
CA PRO B 284 14.87 4.80 13.61
C PRO B 284 14.53 6.01 14.48
N SER B 285 13.41 6.66 14.20
CA SER B 285 13.02 7.82 14.97
C SER B 285 12.55 7.43 16.36
N ASN B 286 12.21 6.15 16.55
CA ASN B 286 11.73 5.69 17.86
C ASN B 286 12.75 4.94 18.73
N LEU B 287 14.03 5.00 18.34
CA LEU B 287 15.09 4.27 19.04
C LEU B 287 15.77 5.07 20.11
N GLY B 288 16.14 4.39 21.21
CA GLY B 288 16.64 5.09 22.38
C GLY B 288 15.59 4.85 23.50
N THR B 289 14.83 5.86 23.89
CA THR B 289 13.80 5.73 24.93
C THR B 289 12.51 5.29 24.25
N GLY B 290 12.44 5.52 22.95
CA GLY B 290 11.26 5.20 22.19
C GLY B 290 10.09 6.02 22.74
N LEU B 291 10.41 6.96 23.62
CA LEU B 291 9.36 7.76 24.23
C LEU B 291 8.98 9.02 23.50
N ARG B 292 7.66 9.21 23.32
CA ARG B 292 7.14 10.40 22.69
C ARG B 292 6.15 10.92 23.73
N GLY B 293 6.56 11.98 24.43
CA GLY B 293 5.69 12.56 25.45
C GLY B 293 5.18 13.88 24.93
N GLY B 294 3.89 14.16 25.14
CA GLY B 294 3.35 15.40 24.66
C GLY B 294 2.00 15.76 25.23
N VAL B 295 1.38 16.78 24.63
CA VAL B 295 0.07 17.25 25.08
C VAL B 295 -0.71 17.72 23.87
N HIS B 296 -2.00 17.95 24.08
CA HIS B 296 -2.85 18.50 23.04
C HIS B 296 -3.09 19.91 23.59
N VAL B 297 -2.58 20.92 22.88
CA VAL B 297 -2.72 22.30 23.31
C VAL B 297 -3.35 23.18 22.28
N LYS B 298 -4.06 24.19 22.79
CA LYS B 298 -4.75 25.16 21.98
C LYS B 298 -3.97 26.44 21.84
N ILE B 299 -3.38 26.60 20.67
CA ILE B 299 -2.51 27.72 20.36
C ILE B 299 -2.93 28.40 19.07
N PRO B 300 -4.08 29.06 19.09
CA PRO B 300 -4.57 29.72 17.89
C PRO B 300 -3.63 30.72 17.27
N HIS B 301 -3.01 31.50 18.14
CA HIS B 301 -2.10 32.55 17.75
C HIS B 301 -0.72 32.08 17.34
N LEU B 302 -0.03 31.44 18.27
CA LEU B 302 1.32 30.97 18.02
C LEU B 302 1.43 30.08 16.79
N CYS B 303 0.45 29.21 16.56
CA CYS B 303 0.51 28.31 15.41
C CYS B 303 0.50 29.07 14.09
N LYS B 304 0.05 30.32 14.12
CA LYS B 304 0.02 31.14 12.92
C LYS B 304 1.21 32.08 12.87
N HIS B 305 1.91 32.20 13.98
CA HIS B 305 3.07 33.09 14.06
C HIS B 305 4.26 32.60 13.25
N GLU B 306 4.83 33.50 12.47
CA GLU B 306 5.98 33.22 11.62
C GLU B 306 7.15 32.53 12.35
N LYS B 307 7.19 32.60 13.67
CA LYS B 307 8.28 31.96 14.42
C LYS B 307 7.90 30.63 15.06
N PHE B 308 6.73 30.09 14.70
CA PHE B 308 6.28 28.83 15.28
C PHE B 308 7.25 27.69 15.02
N SER B 309 7.65 27.50 13.76
CA SER B 309 8.58 26.44 13.42
C SER B 309 9.91 26.59 14.16
N GLU B 310 10.43 27.82 14.23
CA GLU B 310 11.69 28.04 14.94
C GLU B 310 11.61 27.71 16.43
N VAL B 311 10.50 28.07 17.07
CA VAL B 311 10.34 27.78 18.49
C VAL B 311 10.37 26.28 18.68
N LEU B 312 9.75 25.58 17.73
CA LEU B 312 9.68 24.13 17.77
C LEU B 312 11.08 23.52 17.67
N LYS B 313 11.89 24.04 16.78
CA LYS B 313 13.24 23.50 16.62
C LYS B 313 14.16 23.80 17.80
N ARG B 314 14.12 25.03 18.31
CA ARG B 314 14.95 25.40 19.45
C ARG B 314 14.61 24.57 20.67
N THR B 315 13.33 24.22 20.80
CA THR B 315 12.85 23.44 21.93
C THR B 315 12.89 21.93 21.68
N ARG B 316 13.20 21.55 20.44
CA ARG B 316 13.27 20.16 20.02
C ARG B 316 11.95 19.45 20.20
N LEU B 317 10.88 20.12 19.82
CA LEU B 317 9.55 19.53 19.91
C LEU B 317 9.01 19.39 18.49
N GLN B 318 8.13 18.41 18.29
CA GLN B 318 7.53 18.16 16.99
C GLN B 318 6.02 18.40 17.08
N LYS B 319 5.43 18.95 16.03
CA LYS B 319 4.00 19.20 16.04
C LYS B 319 3.33 18.20 15.11
N ARG B 320 2.18 17.72 15.56
CA ARG B 320 1.38 16.75 14.81
C ARG B 320 -0.07 17.21 14.86
N GLY B 321 -0.91 16.61 14.03
CA GLY B 321 -2.31 16.99 14.00
C GLY B 321 -3.08 16.49 15.21
N THR B 322 -4.31 16.95 15.36
CA THR B 322 -5.13 16.54 16.49
C THR B 322 -5.42 15.04 16.49
N GLY B 323 -5.47 14.44 15.31
CA GLY B 323 -5.73 13.01 15.23
C GLY B 323 -4.48 12.18 14.96
N GLY B 324 -3.31 12.72 15.27
CA GLY B 324 -2.09 11.97 15.04
C GLY B 324 -1.22 12.49 13.91
N VAL B 325 -0.01 11.92 13.78
CA VAL B 325 0.95 12.34 12.77
C VAL B 325 0.40 12.38 11.32
N ASP B 326 -0.62 11.59 11.01
CA ASP B 326 -1.15 11.59 9.64
C ASP B 326 -2.36 12.56 9.46
N THR B 327 -2.60 13.47 10.42
CA THR B 327 -3.73 14.40 10.33
C THR B 327 -3.38 15.87 10.57
N ALA B 328 -4.28 16.77 10.18
CA ALA B 328 -4.08 18.20 10.38
C ALA B 328 -4.52 18.58 11.80
N ALA B 329 -4.15 19.80 12.21
CA ALA B 329 -4.55 20.30 13.51
C ALA B 329 -5.96 20.80 13.30
N VAL B 330 -6.87 20.47 14.22
CA VAL B 330 -8.26 20.91 14.10
C VAL B 330 -8.62 21.78 15.32
N GLY B 331 -9.34 22.86 15.07
CA GLY B 331 -9.73 23.77 16.14
C GLY B 331 -8.53 24.43 16.82
N SER B 332 -7.42 24.48 16.08
CA SER B 332 -6.12 25.05 16.53
C SER B 332 -5.51 24.20 17.64
N ILE B 333 -5.75 22.90 17.60
CA ILE B 333 -5.28 22.03 18.67
C ILE B 333 -4.14 21.15 18.17
N TYR B 334 -2.92 21.45 18.62
CA TYR B 334 -1.75 20.72 18.20
C TYR B 334 -1.21 19.72 19.20
N ASP B 335 -0.67 18.64 18.65
CA ASP B 335 -0.06 17.56 19.39
C ASP B 335 1.41 18.00 19.44
N ILE B 336 1.88 18.39 20.63
CA ILE B 336 3.25 18.83 20.79
C ILE B 336 3.99 17.81 21.66
N SER B 337 5.08 17.27 21.14
CA SER B 337 5.87 16.27 21.87
C SER B 337 7.35 16.38 21.56
N ASN B 338 8.17 15.67 22.33
CA ASN B 338 9.61 15.68 22.11
C ASN B 338 9.90 14.99 20.78
N ALA B 339 10.74 15.61 19.96
CA ALA B 339 11.05 15.04 18.65
C ALA B 339 12.21 14.07 18.61
N ASP B 340 13.10 14.14 19.59
CA ASP B 340 14.29 13.27 19.60
C ASP B 340 14.28 12.29 20.78
N ARG B 341 14.59 11.03 20.47
CA ARG B 341 14.55 10.00 21.48
C ARG B 341 15.89 9.35 21.89
N LEU B 342 16.96 9.65 21.14
CA LEU B 342 18.30 9.15 21.49
C LEU B 342 19.06 10.40 21.92
N GLY B 343 19.90 10.27 22.94
CA GLY B 343 20.65 11.43 23.40
C GLY B 343 20.19 11.98 24.73
N PHE B 344 19.04 11.50 25.22
CA PHE B 344 18.50 11.94 26.50
C PHE B 344 17.68 10.80 27.09
N SER B 345 17.42 10.87 28.40
CA SER B 345 16.63 9.84 29.05
C SER B 345 15.17 10.26 29.01
N GLU B 346 14.31 9.38 29.48
CA GLU B 346 12.89 9.63 29.48
C GLU B 346 12.56 10.80 30.39
N VAL B 347 13.32 10.96 31.47
CA VAL B 347 13.07 12.09 32.36
C VAL B 347 13.47 13.39 31.68
N GLU B 348 14.62 13.40 31.03
CA GLU B 348 15.10 14.61 30.36
C GLU B 348 14.20 14.98 29.19
N GLN B 349 13.65 13.98 28.53
CA GLN B 349 12.78 14.24 27.40
C GLN B 349 11.44 14.74 27.91
N VAL B 350 10.91 14.11 28.96
CA VAL B 350 9.63 14.54 29.50
C VAL B 350 9.75 15.92 30.14
N GLN B 351 10.95 16.28 30.56
CA GLN B 351 11.21 17.58 31.19
C GLN B 351 11.23 18.65 30.09
N MET B 352 11.63 18.21 28.90
CA MET B 352 11.71 19.11 27.75
C MET B 352 10.33 19.47 27.25
N VAL B 353 9.43 18.51 27.24
CA VAL B 353 8.09 18.78 26.78
C VAL B 353 7.46 19.73 27.79
N VAL B 354 7.70 19.44 29.08
CA VAL B 354 7.17 20.25 30.17
C VAL B 354 7.63 21.70 30.03
N ASP B 355 8.93 21.92 29.99
CA ASP B 355 9.44 23.28 29.87
C ASP B 355 8.98 23.96 28.59
N GLY B 356 9.12 23.26 27.47
CA GLY B 356 8.73 23.82 26.20
C GLY B 356 7.26 24.20 26.08
N VAL B 357 6.38 23.36 26.62
CA VAL B 357 4.96 23.61 26.57
C VAL B 357 4.55 24.80 27.44
N LYS B 358 5.17 24.91 28.61
CA LYS B 358 4.88 26.03 29.51
C LYS B 358 5.26 27.31 28.78
N LEU B 359 6.40 27.25 28.11
CA LEU B 359 6.91 28.41 27.38
C LEU B 359 6.00 28.78 26.22
N MET B 360 5.41 27.77 25.59
CA MET B 360 4.50 28.03 24.48
C MET B 360 3.20 28.64 25.02
N VAL B 361 2.80 28.23 26.22
CA VAL B 361 1.59 28.79 26.80
C VAL B 361 1.90 30.27 27.02
N GLU B 362 2.97 30.52 27.76
CA GLU B 362 3.38 31.88 28.03
C GLU B 362 3.43 32.64 26.71
N MET B 363 3.86 31.96 25.64
CA MET B 363 3.94 32.61 24.34
C MET B 363 2.56 32.94 23.76
N GLU B 364 1.62 32.01 23.89
CA GLU B 364 0.27 32.25 23.38
C GLU B 364 -0.34 33.44 24.14
N LYS B 365 -0.03 33.55 25.44
CA LYS B 365 -0.56 34.64 26.27
C LYS B 365 -0.03 35.97 25.79
N ARG B 366 1.25 36.01 25.44
CA ARG B 366 1.82 37.25 24.95
C ARG B 366 1.00 37.69 23.74
N LEU B 367 0.98 36.85 22.71
CA LEU B 367 0.28 37.11 21.47
C LEU B 367 -1.21 37.48 21.63
N GLU B 368 -1.92 36.85 22.57
CA GLU B 368 -3.32 37.21 22.74
C GLU B 368 -3.39 38.71 23.04
N ASN B 369 -2.44 39.19 23.84
CA ASN B 369 -2.36 40.60 24.22
C ASN B 369 -1.65 41.46 23.17
N GLY B 370 -1.35 40.87 22.03
CA GLY B 370 -0.67 41.64 20.99
C GLY B 370 0.74 42.04 21.43
N LYS B 371 1.37 41.19 22.23
CA LYS B 371 2.71 41.45 22.73
C LYS B 371 3.76 40.73 21.88
N SER B 372 5.02 40.99 22.18
CA SER B 372 6.14 40.38 21.46
C SER B 372 6.52 39.13 22.23
N ILE B 373 7.10 38.15 21.52
CA ILE B 373 7.53 36.91 22.16
C ILE B 373 9.03 36.73 21.93
N ASP B 374 9.63 37.69 21.23
CA ASP B 374 11.05 37.64 20.93
C ASP B 374 11.97 37.38 22.12
N ASP B 375 11.62 37.93 23.29
CA ASP B 375 12.44 37.75 24.48
C ASP B 375 12.31 36.36 25.07
N LEU B 376 11.21 35.68 24.74
CA LEU B 376 10.94 34.35 25.26
C LEU B 376 11.53 33.22 24.42
N MET B 377 12.08 33.56 23.26
CA MET B 377 12.69 32.56 22.40
C MET B 377 13.96 32.06 23.08
N PRO B 378 13.96 30.80 23.53
CA PRO B 378 15.13 30.23 24.20
C PRO B 378 16.23 29.83 23.20
N ALA B 379 17.46 29.65 23.71
CA ALA B 379 18.59 29.26 22.88
C ALA B 379 18.47 27.78 22.49
N GLN B 380 19.01 27.46 21.32
CA GLN B 380 18.82 26.15 20.71
C GLN B 380 19.31 25.02 21.53
N LYS B 381 18.40 24.28 22.12
CA LYS B 381 18.77 23.20 23.02
C LYS B 381 18.76 21.83 22.43
#